data_7Y4R
#
_entry.id   7Y4R
#
_cell.length_a   78.170
_cell.length_b   92.710
_cell.length_c   96.800
_cell.angle_alpha   90.000
_cell.angle_beta   90.000
_cell.angle_gamma   90.000
#
_symmetry.space_group_name_H-M   'P 21 21 21'
#
loop_
_entity.id
_entity.type
_entity.pdbx_description
1 polymer 'CMD domain-containing protein'
2 non-polymer 'HYDROGEN PEROXIDE'
3 non-polymer LYSINE
4 water water
#
_entity_poly.entity_id   1
_entity_poly.type   'polypeptide(L)'
_entity_poly.pdbx_seq_one_letter_code
;MLNNWTEFVPAVKKAFGALGKQHPKMLAAYGALEEASAEGALDAKTRELISIAVAITTRCDGCIGVHTEAALKAGASEAE
IAQTLATAISLNAGAAYVYSLRALEAYDQFKK
;
_entity_poly.pdbx_strand_id   A,B,C,D,E,F
#
# COMPACT_ATOMS: atom_id res chain seq x y z
N ASN A 3 9.46 16.19 -13.44
CA ASN A 3 10.28 17.19 -14.11
C ASN A 3 10.23 17.01 -15.63
N ASN A 4 10.82 15.92 -16.11
CA ASN A 4 10.89 15.61 -17.54
C ASN A 4 10.27 14.24 -17.76
N TRP A 5 8.95 14.21 -17.93
CA TRP A 5 8.27 12.97 -18.26
C TRP A 5 8.58 12.53 -19.69
N THR A 6 8.91 13.49 -20.57
CA THR A 6 9.22 13.15 -21.95
C THR A 6 10.54 12.39 -22.08
N GLU A 7 11.37 12.41 -21.04
CA GLU A 7 12.58 11.58 -20.98
C GLU A 7 12.45 10.41 -20.04
N PHE A 8 11.59 10.51 -19.02
CA PHE A 8 11.42 9.42 -18.07
C PHE A 8 10.68 8.25 -18.72
N VAL A 9 9.60 8.55 -19.45
CA VAL A 9 8.80 7.49 -20.05
C VAL A 9 9.58 6.68 -21.10
N PRO A 10 10.29 7.30 -22.05
CA PRO A 10 11.10 6.49 -22.97
C PRO A 10 12.18 5.69 -22.27
N ALA A 11 12.72 6.19 -21.16
CA ALA A 11 13.71 5.43 -20.41
C ALA A 11 13.08 4.20 -19.76
N VAL A 12 11.85 4.33 -19.26
CA VAL A 12 11.15 3.19 -18.68
C VAL A 12 10.82 2.17 -19.75
N LYS A 13 10.42 2.63 -20.94
CA LYS A 13 10.12 1.72 -22.03
C LYS A 13 11.35 0.96 -22.49
N LYS A 14 12.51 1.63 -22.49
CA LYS A 14 13.74 0.95 -22.87
C LYS A 14 14.13 -0.12 -21.87
N ALA A 15 13.87 0.13 -20.58
CA ALA A 15 14.18 -0.87 -19.55
C ALA A 15 13.30 -2.11 -19.71
N PHE A 16 12.03 -1.91 -20.10
CA PHE A 16 11.16 -3.05 -20.34
C PHE A 16 11.63 -3.86 -21.55
N GLY A 17 12.09 -3.17 -22.61
CA GLY A 17 12.59 -3.89 -23.77
C GLY A 17 13.85 -4.67 -23.47
N ALA A 18 14.75 -4.10 -22.65
CA ALA A 18 15.94 -4.83 -22.24
C ALA A 18 15.59 -6.02 -21.35
N LEU A 19 14.46 -5.94 -20.63
CA LEU A 19 14.04 -7.06 -19.79
C LEU A 19 13.66 -8.27 -20.63
N GLY A 20 12.97 -8.05 -21.75
CA GLY A 20 12.59 -9.14 -22.62
C GLY A 20 13.76 -9.81 -23.31
N LYS A 21 14.88 -9.09 -23.49
CA LYS A 21 16.06 -9.69 -24.10
C LYS A 21 16.84 -10.52 -23.10
N GLN A 22 16.87 -10.13 -21.83
CA GLN A 22 17.55 -10.88 -20.80
C GLN A 22 16.66 -11.90 -20.10
N HIS A 23 15.36 -11.63 -20.04
CA HIS A 23 14.39 -12.53 -19.39
C HIS A 23 13.09 -12.46 -20.17
N PRO A 24 12.96 -13.25 -21.23
CA PRO A 24 11.78 -13.09 -22.11
C PRO A 24 10.47 -13.48 -21.46
N LYS A 25 10.48 -14.51 -20.60
CA LYS A 25 9.23 -14.97 -20.01
C LYS A 25 8.62 -13.92 -19.09
N MET A 26 9.44 -13.03 -18.52
CA MET A 26 8.90 -11.96 -17.70
C MET A 26 8.15 -10.94 -18.55
N LEU A 27 8.74 -10.53 -19.66
CA LEU A 27 8.06 -9.60 -20.56
C LEU A 27 6.87 -10.28 -21.25
N ALA A 28 6.93 -11.59 -21.44
CA ALA A 28 5.81 -12.31 -22.04
C ALA A 28 4.61 -12.31 -21.09
N ALA A 29 4.85 -12.56 -19.80
CA ALA A 29 3.76 -12.50 -18.83
C ALA A 29 3.14 -11.12 -18.74
N TYR A 30 3.96 -10.07 -18.90
CA TYR A 30 3.42 -8.72 -18.95
C TYR A 30 2.53 -8.54 -20.18
N GLY A 31 2.99 -9.02 -21.34
CA GLY A 31 2.17 -8.93 -22.54
C GLY A 31 0.89 -9.74 -22.44
N ALA A 32 0.92 -10.86 -21.70
CA ALA A 32 -0.29 -11.63 -21.47
C ALA A 32 -1.27 -10.86 -20.61
N LEU A 33 -0.77 -10.06 -19.66
CA LEU A 33 -1.66 -9.22 -18.86
C LEU A 33 -2.26 -8.10 -19.71
N GLU A 34 -1.47 -7.56 -20.64
CA GLU A 34 -2.00 -6.54 -21.55
C GLU A 34 -3.01 -7.14 -22.53
N GLU A 35 -2.81 -8.40 -22.92
CA GLU A 35 -3.74 -9.05 -23.85
C GLU A 35 -5.10 -9.25 -23.20
N ALA A 36 -5.12 -9.74 -21.96
CA ALA A 36 -6.39 -9.90 -21.25
C ALA A 36 -7.04 -8.56 -20.94
N SER A 37 -6.22 -7.50 -20.80
CA SER A 37 -6.77 -6.18 -20.51
C SER A 37 -7.45 -5.59 -21.74
N ALA A 38 -6.88 -5.82 -22.93
CA ALA A 38 -7.42 -5.26 -24.17
C ALA A 38 -8.46 -6.16 -24.82
N GLU A 39 -9.21 -6.93 -24.03
CA GLU A 39 -10.20 -7.87 -24.55
C GLU A 39 -11.53 -7.65 -23.84
N GLY A 40 -12.51 -7.12 -24.55
CA GLY A 40 -13.85 -6.98 -24.00
C GLY A 40 -14.60 -5.73 -24.41
N ALA A 41 -14.21 -5.14 -25.55
CA ALA A 41 -14.91 -4.01 -26.18
C ALA A 41 -14.87 -2.74 -25.34
N LEU A 42 -13.90 -2.58 -24.45
CA LEU A 42 -13.65 -1.32 -23.78
C LEU A 42 -12.56 -0.58 -24.55
N ASP A 43 -12.88 0.61 -25.03
CA ASP A 43 -11.95 1.34 -25.87
C ASP A 43 -10.67 1.68 -25.10
N ALA A 44 -9.61 1.96 -25.86
CA ALA A 44 -8.31 2.22 -25.25
C ALA A 44 -8.35 3.45 -24.35
N LYS A 45 -9.17 4.44 -24.70
CA LYS A 45 -9.27 5.64 -23.86
C LYS A 45 -9.80 5.30 -22.48
N THR A 46 -10.87 4.49 -22.42
CA THR A 46 -11.42 4.08 -21.12
C THR A 46 -10.43 3.23 -20.35
N ARG A 47 -9.69 2.36 -21.04
CA ARG A 47 -8.74 1.50 -20.36
C ARG A 47 -7.53 2.27 -19.85
N GLU A 48 -7.07 3.26 -20.61
CA GLU A 48 -5.95 4.07 -20.15
C GLU A 48 -6.36 4.98 -19.01
N LEU A 49 -7.59 5.50 -19.04
CA LEU A 49 -8.09 6.27 -17.91
C LEU A 49 -8.16 5.42 -16.65
N ILE A 50 -8.66 4.18 -16.78
CA ILE A 50 -8.62 3.25 -15.66
C ILE A 50 -7.19 2.97 -15.24
N SER A 51 -6.27 2.90 -16.22
CA SER A 51 -4.87 2.65 -15.91
C SER A 51 -4.27 3.77 -15.07
N ILE A 52 -4.63 5.02 -15.38
CA ILE A 52 -4.13 6.15 -14.60
C ILE A 52 -4.69 6.13 -13.19
N ALA A 53 -5.97 5.79 -13.05
CA ALA A 53 -6.60 5.74 -11.73
C ALA A 53 -5.93 4.73 -10.82
N VAL A 54 -5.45 3.61 -11.38
CA VAL A 54 -4.72 2.63 -10.58
C VAL A 54 -3.27 3.05 -10.39
N ALA A 55 -2.69 3.71 -11.40
CA ALA A 55 -1.28 4.10 -11.30
C ALA A 55 -1.05 5.11 -10.19
N ILE A 56 -1.97 6.06 -10.02
CA ILE A 56 -1.83 7.02 -8.93
C ILE A 56 -2.15 6.37 -7.59
N THR A 57 -2.97 5.32 -7.60
CA THR A 57 -3.23 4.59 -6.36
C THR A 57 -2.00 3.80 -5.92
N THR A 58 -1.30 3.18 -6.87
CA THR A 58 -0.04 2.51 -6.57
C THR A 58 1.12 3.48 -6.46
N ARG A 59 0.92 4.74 -6.86
CA ARG A 59 1.95 5.78 -6.77
C ARG A 59 3.22 5.37 -7.53
N CYS A 60 3.02 4.69 -8.66
CA CYS A 60 4.11 4.28 -9.53
C CYS A 60 4.28 5.34 -10.61
N ASP A 61 5.40 6.07 -10.56
CA ASP A 61 5.63 7.16 -11.51
C ASP A 61 5.81 6.63 -12.94
N GLY A 62 6.42 5.44 -13.08
CA GLY A 62 6.54 4.86 -14.40
C GLY A 62 5.20 4.46 -14.98
N CYS A 63 4.31 3.93 -14.13
CA CYS A 63 2.98 3.56 -14.60
C CYS A 63 2.13 4.77 -14.92
N ILE A 64 2.32 5.88 -14.19
CA ILE A 64 1.55 7.09 -14.45
C ILE A 64 1.92 7.67 -15.80
N GLY A 65 3.21 7.97 -16.00
CA GLY A 65 3.63 8.63 -17.22
C GLY A 65 3.44 7.79 -18.47
N VAL A 66 3.60 6.47 -18.35
CA VAL A 66 3.42 5.60 -19.51
C VAL A 66 1.97 5.59 -19.97
N HIS A 67 1.04 5.46 -19.01
CA HIS A 67 -0.37 5.39 -19.35
C HIS A 67 -1.02 6.76 -19.51
N THR A 68 -0.38 7.82 -19.02
CA THR A 68 -0.88 9.17 -19.32
C THR A 68 -0.59 9.52 -20.77
N GLU A 69 0.59 9.16 -21.27
CA GLU A 69 0.88 9.35 -22.69
C GLU A 69 0.00 8.46 -23.56
N ALA A 70 -0.23 7.22 -23.13
CA ALA A 70 -1.11 6.33 -23.87
C ALA A 70 -2.55 6.82 -23.88
N ALA A 71 -2.98 7.49 -22.80
CA ALA A 71 -4.32 8.06 -22.78
C ALA A 71 -4.45 9.20 -23.78
N LEU A 72 -3.43 10.05 -23.88
CA LEU A 72 -3.45 11.14 -24.86
C LEU A 72 -3.50 10.59 -26.28
N LYS A 73 -2.73 9.53 -26.54
CA LYS A 73 -2.74 8.92 -27.87
C LYS A 73 -4.11 8.31 -28.19
N ALA A 74 -4.83 7.85 -27.18
CA ALA A 74 -6.16 7.29 -27.38
C ALA A 74 -7.24 8.36 -27.47
N GLY A 75 -6.88 9.64 -27.35
CA GLY A 75 -7.84 10.72 -27.48
C GLY A 75 -8.46 11.19 -26.19
N ALA A 76 -7.75 11.08 -25.07
CA ALA A 76 -8.28 11.51 -23.78
C ALA A 76 -8.06 13.01 -23.60
N SER A 77 -9.14 13.72 -23.23
CA SER A 77 -9.04 15.13 -22.95
C SER A 77 -8.47 15.36 -21.55
N GLU A 78 -8.06 16.61 -21.28
CA GLU A 78 -7.54 16.94 -19.96
C GLU A 78 -8.62 16.82 -18.90
N ALA A 79 -9.84 17.22 -19.22
CA ALA A 79 -10.95 17.06 -18.27
C ALA A 79 -11.30 15.61 -18.05
N GLU A 80 -11.10 14.76 -19.08
CA GLU A 80 -11.35 13.34 -18.91
C GLU A 80 -10.39 12.72 -17.92
N ILE A 81 -9.12 13.15 -17.93
CA ILE A 81 -8.15 12.65 -16.96
C ILE A 81 -8.39 13.26 -15.58
N ALA A 82 -8.68 14.56 -15.54
CA ALA A 82 -8.95 15.21 -14.26
C ALA A 82 -10.17 14.61 -13.58
N GLN A 83 -11.23 14.35 -14.33
CA GLN A 83 -12.40 13.69 -13.75
C GLN A 83 -12.08 12.26 -13.34
N THR A 84 -11.21 11.58 -14.10
CA THR A 84 -10.77 10.25 -13.70
C THR A 84 -9.97 10.29 -12.41
N LEU A 85 -9.05 11.25 -12.30
CA LEU A 85 -8.28 11.40 -11.06
C LEU A 85 -9.17 11.80 -9.90
N ALA A 86 -10.17 12.65 -10.16
CA ALA A 86 -11.12 13.01 -9.11
C ALA A 86 -11.91 11.79 -8.63
N THR A 87 -12.19 10.84 -9.53
CA THR A 87 -12.84 9.61 -9.12
C THR A 87 -11.87 8.70 -8.36
N ALA A 88 -10.62 8.65 -8.79
CA ALA A 88 -9.64 7.83 -8.09
C ALA A 88 -9.32 8.38 -6.71
N ILE A 89 -9.26 9.71 -6.58
CA ILE A 89 -9.02 10.31 -5.28
C ILE A 89 -10.17 10.02 -4.33
N SER A 90 -11.40 10.07 -4.84
CA SER A 90 -12.56 9.80 -3.99
C SER A 90 -12.54 8.39 -3.45
N LEU A 91 -12.08 7.43 -4.25
CA LEU A 91 -12.01 6.04 -3.80
C LEU A 91 -10.84 5.81 -2.85
N ASN A 92 -9.74 6.55 -3.03
CA ASN A 92 -8.63 6.44 -2.10
C ASN A 92 -9.03 6.90 -0.70
N ALA A 93 -9.79 8.00 -0.62
CA ALA A 93 -10.33 8.43 0.66
C ALA A 93 -11.44 7.50 1.13
N GLY A 94 -12.18 6.88 0.20
CA GLY A 94 -13.25 5.98 0.58
C GLY A 94 -12.75 4.78 1.37
N ALA A 95 -11.58 4.26 1.00
CA ALA A 95 -10.98 3.18 1.78
C ALA A 95 -10.59 3.66 3.17
N ALA A 96 -10.12 4.90 3.28
CA ALA A 96 -9.79 5.46 4.59
C ALA A 96 -11.04 5.69 5.42
N TYR A 97 -12.15 6.07 4.77
CA TYR A 97 -13.41 6.25 5.49
C TYR A 97 -13.92 4.92 6.03
N VAL A 98 -13.84 3.85 5.23
CA VAL A 98 -14.39 2.56 5.63
C VAL A 98 -13.64 2.03 6.85
N TYR A 99 -12.31 2.12 6.83
CA TYR A 99 -11.53 1.62 7.96
C TYR A 99 -11.60 2.55 9.16
N SER A 100 -11.83 3.84 8.94
CA SER A 100 -12.09 4.74 10.05
C SER A 100 -13.43 4.41 10.72
N LEU A 101 -14.40 3.95 9.95
CA LEU A 101 -15.66 3.49 10.52
C LEU A 101 -15.45 2.27 11.42
N ARG A 102 -14.51 1.40 11.06
CA ARG A 102 -14.17 0.28 11.92
C ARG A 102 -13.52 0.76 13.22
N ALA A 103 -12.76 1.84 13.17
CA ALA A 103 -12.13 2.36 14.38
C ALA A 103 -13.17 2.99 15.30
N LEU A 104 -14.21 3.62 14.74
CA LEU A 104 -15.25 4.22 15.57
C LEU A 104 -16.16 3.14 16.15
N GLU A 105 -16.51 2.13 15.36
CA GLU A 105 -17.26 1.00 15.89
C GLU A 105 -16.46 0.28 16.98
N ALA A 106 -15.13 0.29 16.86
CA ALA A 106 -14.29 -0.30 17.90
C ALA A 106 -14.37 0.52 19.19
N TYR A 107 -14.24 1.84 19.08
CA TYR A 107 -14.27 2.69 20.26
C TYR A 107 -15.59 2.60 20.99
N ASP A 108 -16.69 2.41 20.26
CA ASP A 108 -18.00 2.30 20.90
C ASP A 108 -18.08 1.06 21.78
N GLN A 109 -17.62 -0.09 21.25
CA GLN A 109 -17.64 -1.33 22.02
C GLN A 109 -16.65 -1.33 23.17
N PHE A 110 -15.82 -0.29 23.30
CA PHE A 110 -14.85 -0.13 24.38
C PHE A 110 -13.78 -1.23 24.37
N LYS A 111 -13.90 -2.18 23.45
CA LYS A 111 -12.85 -3.15 23.16
C LYS A 111 -12.44 -3.99 24.37
N ASN B 3 27.89 6.05 -9.32
CA ASN B 3 26.85 6.49 -10.23
C ASN B 3 25.62 6.97 -9.47
N ASN B 4 24.50 6.28 -9.66
CA ASN B 4 23.29 6.57 -8.90
C ASN B 4 23.16 5.59 -7.74
N TRP B 5 22.92 4.32 -8.06
CA TRP B 5 22.77 3.31 -7.01
C TRP B 5 24.05 3.15 -6.20
N THR B 6 25.21 3.21 -6.85
CA THR B 6 26.47 3.09 -6.15
C THR B 6 26.76 4.30 -5.27
N GLU B 7 26.04 5.40 -5.48
CA GLU B 7 26.13 6.57 -4.60
C GLU B 7 24.91 6.76 -3.73
N PHE B 8 23.74 6.26 -4.16
CA PHE B 8 22.53 6.40 -3.36
C PHE B 8 22.57 5.50 -2.13
N VAL B 9 23.13 4.30 -2.27
CA VAL B 9 23.19 3.34 -1.17
C VAL B 9 24.10 3.84 -0.05
N PRO B 10 25.31 4.36 -0.32
CA PRO B 10 26.10 4.93 0.78
C PRO B 10 25.41 6.09 1.46
N ALA B 11 24.67 6.92 0.71
CA ALA B 11 23.93 8.01 1.33
C ALA B 11 22.81 7.48 2.22
N VAL B 12 22.19 6.37 1.86
CA VAL B 12 21.16 5.77 2.70
C VAL B 12 21.78 5.25 3.99
N LYS B 13 22.87 4.48 3.87
CA LYS B 13 23.56 3.98 5.06
C LYS B 13 24.12 5.11 5.90
N LYS B 14 24.56 6.19 5.26
CA LYS B 14 25.01 7.37 6.02
C LYS B 14 23.86 8.02 6.76
N ALA B 15 22.64 7.97 6.20
CA ALA B 15 21.49 8.53 6.89
C ALA B 15 21.10 7.68 8.09
N PHE B 16 21.16 6.35 7.96
CA PHE B 16 20.87 5.48 9.09
C PHE B 16 21.90 5.64 10.20
N GLY B 17 23.16 5.90 9.83
CA GLY B 17 24.16 6.19 10.84
C GLY B 17 23.92 7.51 11.55
N ALA B 18 23.29 8.46 10.86
CA ALA B 18 22.96 9.73 11.49
C ALA B 18 21.89 9.56 12.56
N LEU B 19 20.88 8.72 12.28
CA LEU B 19 19.85 8.46 13.28
C LEU B 19 20.42 7.77 14.51
N GLY B 20 21.42 6.91 14.33
CA GLY B 20 22.06 6.27 15.47
C GLY B 20 22.75 7.25 16.39
N LYS B 21 23.17 8.41 15.86
CA LYS B 21 23.79 9.42 16.69
C LYS B 21 22.74 10.31 17.34
N GLN B 22 21.65 10.60 16.64
CA GLN B 22 20.60 11.47 17.15
C GLN B 22 19.55 10.73 17.97
N HIS B 23 19.18 9.53 17.54
CA HIS B 23 18.17 8.73 18.24
C HIS B 23 18.61 7.27 18.23
N PRO B 24 19.47 6.88 19.16
CA PRO B 24 20.01 5.51 19.13
C PRO B 24 18.96 4.44 19.41
N LYS B 25 17.88 4.78 20.11
CA LYS B 25 16.86 3.79 20.42
C LYS B 25 16.14 3.30 19.16
N MET B 26 15.99 4.18 18.16
CA MET B 26 15.31 3.79 16.93
C MET B 26 16.19 2.92 16.05
N LEU B 27 17.50 3.21 15.99
CA LEU B 27 18.40 2.37 15.22
C LEU B 27 18.56 1.00 15.87
N ALA B 28 18.57 0.95 17.21
CA ALA B 28 18.67 -0.32 17.89
C ALA B 28 17.43 -1.19 17.65
N ALA B 29 16.26 -0.56 17.53
CA ALA B 29 15.04 -1.30 17.25
C ALA B 29 15.13 -2.00 15.89
N TYR B 30 15.64 -1.30 14.88
CA TYR B 30 15.87 -1.94 13.59
C TYR B 30 16.91 -3.05 13.71
N GLY B 31 18.01 -2.77 14.42
CA GLY B 31 19.01 -3.80 14.66
C GLY B 31 18.45 -5.01 15.37
N ALA B 32 17.40 -4.82 16.19
CA ALA B 32 16.72 -5.96 16.78
C ALA B 32 15.87 -6.70 15.76
N LEU B 33 15.36 -6.00 14.75
CA LEU B 33 14.58 -6.65 13.70
C LEU B 33 15.47 -7.50 12.81
N GLU B 34 16.66 -7.01 12.48
CA GLU B 34 17.57 -7.80 11.66
C GLU B 34 18.21 -8.93 12.45
N GLU B 35 18.35 -8.76 13.77
CA GLU B 35 18.83 -9.86 14.60
C GLU B 35 17.85 -11.04 14.58
N ALA B 36 16.56 -10.75 14.67
CA ALA B 36 15.56 -11.81 14.57
C ALA B 36 15.49 -12.37 13.17
N SER B 37 15.76 -11.55 12.14
CA SER B 37 15.75 -12.03 10.77
C SER B 37 16.96 -12.90 10.45
N ALA B 38 18.06 -12.76 11.18
CA ALA B 38 19.26 -13.53 10.94
C ALA B 38 19.35 -14.80 11.78
N GLU B 39 18.41 -15.01 12.70
CA GLU B 39 18.43 -16.17 13.59
C GLU B 39 17.74 -17.33 12.89
N GLY B 40 18.52 -18.28 12.39
CA GLY B 40 17.99 -19.45 11.73
C GLY B 40 18.97 -20.00 10.73
N ALA B 41 18.54 -21.07 10.06
CA ALA B 41 19.38 -21.78 9.10
C ALA B 41 19.31 -21.22 7.70
N LEU B 42 18.49 -20.20 7.47
CA LEU B 42 18.40 -19.60 6.13
C LEU B 42 19.67 -18.81 5.83
N ASP B 43 20.30 -19.14 4.70
CA ASP B 43 21.54 -18.49 4.33
C ASP B 43 21.32 -17.01 3.99
N ALA B 44 22.42 -16.28 3.87
CA ALA B 44 22.34 -14.85 3.62
C ALA B 44 21.71 -14.55 2.26
N LYS B 45 22.06 -15.33 1.24
CA LYS B 45 21.49 -15.12 -0.08
C LYS B 45 19.97 -15.31 -0.07
N THR B 46 19.49 -16.34 0.65
CA THR B 46 18.06 -16.56 0.75
C THR B 46 17.36 -15.40 1.44
N ARG B 47 17.96 -14.86 2.50
CA ARG B 47 17.34 -13.75 3.21
C ARG B 47 17.40 -12.48 2.38
N GLU B 48 18.51 -12.24 1.68
CA GLU B 48 18.62 -11.01 0.88
C GLU B 48 17.71 -11.07 -0.34
N LEU B 49 17.51 -12.26 -0.92
CA LEU B 49 16.54 -12.38 -2.00
C LEU B 49 15.13 -12.11 -1.50
N ILE B 50 14.79 -12.64 -0.33
CA ILE B 50 13.50 -12.31 0.29
C ILE B 50 13.41 -10.82 0.56
N SER B 51 14.53 -10.21 0.99
CA SER B 51 14.54 -8.78 1.27
C SER B 51 14.26 -7.96 0.01
N ILE B 52 14.78 -8.42 -1.14
CA ILE B 52 14.56 -7.70 -2.38
C ILE B 52 13.10 -7.80 -2.80
N ALA B 53 12.51 -8.99 -2.69
CA ALA B 53 11.13 -9.18 -3.10
C ALA B 53 10.18 -8.31 -2.28
N VAL B 54 10.48 -8.13 -1.00
CA VAL B 54 9.65 -7.26 -0.17
C VAL B 54 9.95 -5.79 -0.46
N ALA B 55 11.19 -5.47 -0.83
CA ALA B 55 11.55 -4.08 -1.09
C ALA B 55 10.82 -3.53 -2.31
N ILE B 56 10.75 -4.32 -3.39
CA ILE B 56 10.04 -3.87 -4.58
C ILE B 56 8.53 -3.84 -4.35
N THR B 57 8.04 -4.62 -3.38
CA THR B 57 6.62 -4.55 -3.03
C THR B 57 6.33 -3.32 -2.19
N THR B 58 7.23 -2.97 -1.28
CA THR B 58 7.08 -1.75 -0.48
C THR B 58 7.50 -0.50 -1.25
N ARG B 59 8.03 -0.65 -2.46
CA ARG B 59 8.46 0.49 -3.29
C ARG B 59 9.51 1.34 -2.56
N CYS B 60 10.38 0.67 -1.81
CA CYS B 60 11.44 1.33 -1.05
C CYS B 60 12.72 1.29 -1.87
N ASP B 61 13.07 2.43 -2.48
CA ASP B 61 14.26 2.49 -3.31
C ASP B 61 15.52 2.27 -2.49
N GLY B 62 15.57 2.82 -1.27
CA GLY B 62 16.72 2.58 -0.41
C GLY B 62 16.85 1.13 -0.01
N CYS B 63 15.72 0.47 0.26
CA CYS B 63 15.76 -0.95 0.60
C CYS B 63 16.17 -1.79 -0.60
N ILE B 64 15.75 -1.39 -1.79
CA ILE B 64 16.12 -2.13 -3.00
C ILE B 64 17.62 -2.10 -3.20
N GLY B 65 18.23 -0.91 -3.15
CA GLY B 65 19.66 -0.80 -3.40
C GLY B 65 20.50 -1.43 -2.30
N VAL B 66 20.05 -1.30 -1.04
CA VAL B 66 20.82 -1.82 0.07
C VAL B 66 20.89 -3.34 0.02
N HIS B 67 19.75 -3.99 -0.23
CA HIS B 67 19.68 -5.44 -0.20
C HIS B 67 20.01 -6.09 -1.54
N THR B 68 20.05 -5.31 -2.64
CA THR B 68 20.56 -5.85 -3.89
C THR B 68 22.08 -5.97 -3.85
N GLU B 69 22.75 -4.94 -3.34
CA GLU B 69 24.20 -5.02 -3.15
C GLU B 69 24.55 -6.10 -2.14
N ALA B 70 23.75 -6.24 -1.08
CA ALA B 70 23.99 -7.27 -0.09
C ALA B 70 23.76 -8.66 -0.67
N ALA B 71 22.78 -8.80 -1.56
CA ALA B 71 22.54 -10.09 -2.21
C ALA B 71 23.71 -10.46 -3.12
N LEU B 72 24.26 -9.48 -3.83
CA LEU B 72 25.45 -9.73 -4.65
C LEU B 72 26.62 -10.19 -3.80
N LYS B 73 26.81 -9.57 -2.63
CA LYS B 73 27.87 -9.98 -1.72
C LYS B 73 27.65 -11.37 -1.15
N ALA B 74 26.42 -11.88 -1.21
CA ALA B 74 26.11 -13.22 -0.74
C ALA B 74 26.21 -14.27 -1.84
N GLY B 75 26.62 -13.88 -3.05
CA GLY B 75 26.77 -14.82 -4.14
C GLY B 75 25.56 -14.98 -5.02
N ALA B 76 24.65 -14.01 -5.05
CA ALA B 76 23.46 -14.11 -5.87
C ALA B 76 23.79 -13.78 -7.31
N SER B 77 23.36 -14.65 -8.23
CA SER B 77 23.52 -14.37 -9.65
C SER B 77 22.36 -13.51 -10.15
N GLU B 78 22.53 -12.94 -11.35
CA GLU B 78 21.48 -12.10 -11.92
C GLU B 78 20.23 -12.91 -12.19
N ALA B 79 20.38 -14.18 -12.60
CA ALA B 79 19.22 -15.02 -12.84
C ALA B 79 18.44 -15.30 -11.55
N GLU B 80 19.14 -15.37 -10.42
CA GLU B 80 18.46 -15.63 -9.16
C GLU B 80 17.65 -14.41 -8.71
N ILE B 81 18.16 -13.21 -8.95
CA ILE B 81 17.43 -12.01 -8.58
C ILE B 81 16.23 -11.80 -9.50
N ALA B 82 16.43 -12.02 -10.81
CA ALA B 82 15.32 -11.87 -11.75
C ALA B 82 14.21 -12.87 -11.45
N GLN B 83 14.56 -14.11 -11.12
CA GLN B 83 13.56 -15.08 -10.71
C GLN B 83 12.90 -14.66 -9.40
N THR B 84 13.69 -14.12 -8.47
CA THR B 84 13.13 -13.58 -7.24
C THR B 84 12.17 -12.44 -7.53
N LEU B 85 12.54 -11.56 -8.47
CA LEU B 85 11.64 -10.48 -8.85
C LEU B 85 10.43 -11.01 -9.61
N ALA B 86 10.61 -12.05 -10.42
CA ALA B 86 9.49 -12.64 -11.13
C ALA B 86 8.49 -13.24 -10.15
N THR B 87 8.98 -13.86 -9.08
CA THR B 87 8.07 -14.39 -8.06
C THR B 87 7.37 -13.26 -7.31
N ALA B 88 8.10 -12.20 -6.98
CA ALA B 88 7.48 -11.06 -6.30
C ALA B 88 6.46 -10.37 -7.19
N ILE B 89 6.77 -10.25 -8.49
CA ILE B 89 5.81 -9.68 -9.43
C ILE B 89 4.56 -10.54 -9.50
N SER B 90 4.74 -11.87 -9.50
CA SER B 90 3.59 -12.78 -9.58
C SER B 90 2.71 -12.64 -8.35
N LEU B 91 3.30 -12.56 -7.16
CA LEU B 91 2.50 -12.47 -5.94
C LEU B 91 1.80 -11.13 -5.81
N ASN B 92 2.39 -10.07 -6.37
CA ASN B 92 1.72 -8.77 -6.36
C ASN B 92 0.49 -8.79 -7.26
N ALA B 93 0.56 -9.51 -8.39
CA ALA B 93 -0.57 -9.60 -9.29
C ALA B 93 -1.64 -10.53 -8.74
N GLY B 94 -1.23 -11.64 -8.11
CA GLY B 94 -2.20 -12.55 -7.53
C GLY B 94 -3.07 -11.91 -6.47
N ALA B 95 -2.55 -10.87 -5.80
CA ALA B 95 -3.35 -10.11 -4.87
C ALA B 95 -4.46 -9.36 -5.59
N ALA B 96 -4.12 -8.67 -6.68
CA ALA B 96 -5.14 -8.05 -7.50
C ALA B 96 -6.10 -9.09 -8.08
N TYR B 97 -5.60 -10.29 -8.35
CA TYR B 97 -6.47 -11.37 -8.80
C TYR B 97 -7.46 -11.77 -7.71
N VAL B 98 -6.97 -11.90 -6.47
CA VAL B 98 -7.83 -12.35 -5.37
C VAL B 98 -8.96 -11.35 -5.14
N TYR B 99 -8.63 -10.06 -5.08
CA TYR B 99 -9.65 -9.05 -4.86
C TYR B 99 -10.47 -8.76 -6.10
N SER B 100 -9.98 -9.16 -7.29
CA SER B 100 -10.81 -9.08 -8.49
C SER B 100 -11.91 -10.14 -8.44
N LEU B 101 -11.60 -11.32 -7.91
CA LEU B 101 -12.60 -12.36 -7.77
C LEU B 101 -13.70 -11.93 -6.80
N ARG B 102 -13.36 -11.17 -5.77
CA ARG B 102 -14.37 -10.65 -4.85
C ARG B 102 -15.33 -9.72 -5.57
N ALA B 103 -14.81 -8.89 -6.48
CA ALA B 103 -15.68 -7.99 -7.24
C ALA B 103 -16.59 -8.76 -8.18
N LEU B 104 -16.09 -9.86 -8.75
CA LEU B 104 -16.91 -10.67 -9.64
C LEU B 104 -18.02 -11.38 -8.87
N GLU B 105 -17.69 -11.91 -7.68
CA GLU B 105 -18.72 -12.52 -6.84
C GLU B 105 -19.72 -11.48 -6.38
N ALA B 106 -19.26 -10.26 -6.09
CA ALA B 106 -20.18 -9.19 -5.72
C ALA B 106 -21.16 -8.90 -6.85
N TYR B 107 -20.65 -8.76 -8.08
CA TYR B 107 -21.52 -8.49 -9.21
C TYR B 107 -22.48 -9.64 -9.48
N ASP B 108 -22.02 -10.88 -9.28
CA ASP B 108 -22.88 -12.04 -9.49
C ASP B 108 -24.01 -12.13 -8.48
N GLN B 109 -23.86 -11.52 -7.31
CA GLN B 109 -24.85 -11.61 -6.24
C GLN B 109 -25.91 -10.53 -6.31
N PHE B 110 -25.65 -9.42 -7.01
CA PHE B 110 -26.57 -8.29 -7.02
C PHE B 110 -27.63 -8.44 -8.11
N ASN C 3 -9.81 -18.00 10.61
CA ASN C 3 -9.32 -19.39 10.69
C ASN C 3 -9.76 -20.20 9.48
N ASN C 4 -9.73 -21.52 9.63
CA ASN C 4 -10.19 -22.45 8.59
C ASN C 4 -9.39 -22.28 7.30
N TRP C 5 -8.07 -22.26 7.42
CA TRP C 5 -7.21 -22.18 6.24
C TRP C 5 -7.32 -23.45 5.40
N THR C 6 -7.66 -24.58 6.02
CA THR C 6 -7.75 -25.84 5.30
C THR C 6 -8.90 -25.83 4.30
N GLU C 7 -9.94 -25.04 4.55
CA GLU C 7 -11.04 -24.89 3.63
C GLU C 7 -10.97 -23.61 2.81
N PHE C 8 -10.24 -22.60 3.29
CA PHE C 8 -10.13 -21.35 2.56
C PHE C 8 -9.30 -21.52 1.29
N VAL C 9 -8.22 -22.29 1.36
CA VAL C 9 -7.31 -22.45 0.23
C VAL C 9 -8.00 -23.17 -0.93
N PRO C 10 -8.69 -24.30 -0.73
CA PRO C 10 -9.42 -24.89 -1.85
C PRO C 10 -10.51 -23.99 -2.40
N ALA C 11 -11.10 -23.14 -1.56
CA ALA C 11 -12.09 -22.18 -2.05
C ALA C 11 -11.44 -21.12 -2.93
N VAL C 12 -10.21 -20.70 -2.59
CA VAL C 12 -9.50 -19.73 -3.42
C VAL C 12 -9.10 -20.36 -4.75
N LYS C 13 -8.65 -21.61 -4.72
CA LYS C 13 -8.29 -22.29 -5.96
C LYS C 13 -9.50 -22.54 -6.84
N LYS C 14 -10.65 -22.84 -6.23
CA LYS C 14 -11.87 -23.02 -7.01
C LYS C 14 -12.31 -21.71 -7.66
N ALA C 15 -12.12 -20.59 -6.96
CA ALA C 15 -12.47 -19.30 -7.54
C ALA C 15 -11.59 -18.98 -8.73
N PHE C 16 -10.30 -19.36 -8.66
CA PHE C 16 -9.42 -19.20 -9.81
C PHE C 16 -9.82 -20.12 -10.96
N GLY C 17 -10.36 -21.30 -10.65
CA GLY C 17 -10.79 -22.21 -11.70
C GLY C 17 -12.00 -21.71 -12.45
N ALA C 18 -12.97 -21.13 -11.74
CA ALA C 18 -14.14 -20.57 -12.40
C ALA C 18 -13.79 -19.33 -13.21
N LEU C 19 -12.75 -18.60 -12.79
CA LEU C 19 -12.31 -17.44 -13.57
C LEU C 19 -11.74 -17.86 -14.91
N GLY C 20 -11.05 -19.00 -14.96
CA GLY C 20 -10.49 -19.47 -16.22
C GLY C 20 -11.55 -19.98 -17.18
N LYS C 21 -12.58 -20.64 -16.66
CA LYS C 21 -13.65 -21.14 -17.51
C LYS C 21 -14.63 -20.05 -17.91
N GLN C 22 -14.48 -18.84 -17.37
CA GLN C 22 -15.30 -17.69 -17.78
C GLN C 22 -14.49 -16.60 -18.47
N HIS C 23 -13.21 -16.45 -18.12
CA HIS C 23 -12.31 -15.50 -18.76
C HIS C 23 -10.93 -16.13 -18.82
N PRO C 24 -10.67 -16.93 -19.86
CA PRO C 24 -9.44 -17.73 -19.88
C PRO C 24 -8.16 -16.90 -20.01
N LYS C 25 -8.22 -15.74 -20.68
CA LYS C 25 -7.01 -14.95 -20.85
C LYS C 25 -6.52 -14.33 -19.56
N MET C 26 -7.40 -14.14 -18.57
CA MET C 26 -6.95 -13.64 -17.27
C MET C 26 -6.24 -14.73 -16.47
N LEU C 27 -6.78 -15.95 -16.48
CA LEU C 27 -6.10 -17.05 -15.80
C LEU C 27 -4.82 -17.44 -16.50
N ALA C 28 -4.82 -17.39 -17.84
CA ALA C 28 -3.60 -17.68 -18.59
C ALA C 28 -2.51 -16.65 -18.31
N ALA C 29 -2.90 -15.40 -18.04
CA ALA C 29 -1.92 -14.39 -17.68
C ALA C 29 -1.24 -14.73 -16.36
N TYR C 30 -2.02 -15.16 -15.36
CA TYR C 30 -1.43 -15.60 -14.10
C TYR C 30 -0.59 -16.86 -14.30
N GLY C 31 -0.98 -17.71 -15.25
CA GLY C 31 -0.14 -18.86 -15.58
C GLY C 31 1.17 -18.44 -16.22
N ALA C 32 1.15 -17.39 -17.03
CA ALA C 32 2.39 -16.85 -17.57
C ALA C 32 3.25 -16.21 -16.49
N LEU C 33 2.62 -15.60 -15.48
CA LEU C 33 3.37 -15.05 -14.36
C LEU C 33 3.98 -16.16 -13.53
N GLU C 34 3.21 -17.22 -13.26
CA GLU C 34 3.73 -18.35 -12.49
C GLU C 34 4.81 -19.10 -13.27
N GLU C 35 4.81 -19.03 -14.60
CA GLU C 35 5.83 -19.69 -15.39
C GLU C 35 7.16 -18.95 -15.29
N ALA C 36 7.13 -17.61 -15.37
CA ALA C 36 8.35 -16.83 -15.25
C ALA C 36 8.94 -16.93 -13.86
N SER C 37 8.10 -17.14 -12.83
CA SER C 37 8.62 -17.32 -11.48
C SER C 37 9.30 -18.66 -11.31
N ALA C 38 8.88 -19.67 -12.07
CA ALA C 38 9.51 -20.98 -12.00
C ALA C 38 10.79 -21.06 -12.84
N GLU C 39 10.97 -20.14 -13.79
CA GLU C 39 12.17 -20.13 -14.63
C GLU C 39 13.36 -19.71 -13.79
N GLY C 40 14.30 -20.64 -13.58
CA GLY C 40 15.48 -20.36 -12.78
C GLY C 40 15.89 -21.53 -11.91
N ALA C 41 17.00 -21.38 -11.19
CA ALA C 41 17.58 -22.46 -10.41
C ALA C 41 17.21 -22.39 -8.93
N LEU C 42 16.30 -21.51 -8.55
CA LEU C 42 15.83 -21.44 -7.17
C LEU C 42 14.79 -22.52 -6.93
N ASP C 43 15.02 -23.34 -5.90
CA ASP C 43 14.15 -24.46 -5.63
C ASP C 43 12.75 -23.99 -5.21
N ALA C 44 11.82 -24.94 -5.13
CA ALA C 44 10.44 -24.61 -4.81
C ALA C 44 10.30 -23.99 -3.43
N LYS C 45 11.13 -24.42 -2.47
CA LYS C 45 11.03 -23.88 -1.12
C LYS C 45 11.36 -22.40 -1.09
N THR C 46 12.47 -22.01 -1.71
CA THR C 46 12.85 -20.60 -1.72
C THR C 46 11.83 -19.75 -2.48
N ARG C 47 11.20 -20.32 -3.51
CA ARG C 47 10.19 -19.58 -4.26
C ARG C 47 8.95 -19.34 -3.41
N GLU C 48 8.56 -20.32 -2.60
CA GLU C 48 7.38 -20.15 -1.75
C GLU C 48 7.67 -19.32 -0.51
N LEU C 49 8.89 -19.42 0.03
CA LEU C 49 9.27 -18.54 1.13
C LEU C 49 9.25 -17.08 0.67
N ILE C 50 9.81 -16.81 -0.50
CA ILE C 50 9.71 -15.47 -1.09
C ILE C 50 8.25 -15.10 -1.31
N SER C 51 7.42 -16.08 -1.70
CA SER C 51 6.01 -15.82 -1.95
C SER C 51 5.29 -15.42 -0.66
N ILE C 52 5.59 -16.10 0.45
CA ILE C 52 4.95 -15.78 1.71
C ILE C 52 5.36 -14.39 2.18
N ALA C 53 6.62 -14.02 1.97
CA ALA C 53 7.09 -12.70 2.39
C ALA C 53 6.36 -11.59 1.66
N VAL C 54 6.15 -11.76 0.34
CA VAL C 54 5.38 -10.78 -0.41
C VAL C 54 3.92 -10.80 0.00
N ALA C 55 3.40 -11.98 0.37
CA ALA C 55 1.99 -12.11 0.71
C ALA C 55 1.67 -11.37 2.00
N ILE C 56 2.54 -11.46 3.02
CA ILE C 56 2.29 -10.75 4.26
C ILE C 56 2.55 -9.26 4.09
N THR C 57 3.45 -8.88 3.18
CA THR C 57 3.64 -7.48 2.87
C THR C 57 2.43 -6.92 2.13
N THR C 58 1.86 -7.72 1.24
CA THR C 58 0.65 -7.35 0.51
C THR C 58 -0.59 -7.43 1.40
N ARG C 59 -0.56 -8.27 2.44
CA ARG C 59 -1.72 -8.52 3.31
C ARG C 59 -2.85 -9.20 2.54
N CYS C 60 -2.49 -10.05 1.58
CA CYS C 60 -3.46 -10.85 0.83
C CYS C 60 -3.62 -12.19 1.55
N ASP C 61 -4.80 -12.40 2.14
CA ASP C 61 -5.03 -13.62 2.91
C ASP C 61 -5.00 -14.86 2.03
N GLY C 62 -5.68 -14.80 0.89
CA GLY C 62 -5.66 -15.94 -0.03
C GLY C 62 -4.29 -16.26 -0.55
N CYS C 63 -3.44 -15.23 -0.74
CA CYS C 63 -2.07 -15.46 -1.18
C CYS C 63 -1.24 -16.10 -0.07
N ILE C 64 -1.51 -15.71 1.19
CA ILE C 64 -0.75 -16.25 2.31
C ILE C 64 -1.00 -17.75 2.44
N GLY C 65 -2.27 -18.15 2.50
CA GLY C 65 -2.59 -19.54 2.74
C GLY C 65 -2.17 -20.45 1.59
N VAL C 66 -2.28 -19.96 0.35
CA VAL C 66 -1.95 -20.79 -0.80
C VAL C 66 -0.47 -21.13 -0.82
N HIS C 67 0.39 -20.15 -0.54
CA HIS C 67 1.83 -20.36 -0.61
C HIS C 67 2.42 -20.83 0.71
N THR C 68 1.68 -20.73 1.82
CA THR C 68 2.15 -21.34 3.06
C THR C 68 1.99 -22.85 3.01
N GLU C 69 0.86 -23.33 2.47
CA GLU C 69 0.68 -24.76 2.26
C GLU C 69 1.68 -25.30 1.25
N ALA C 70 2.00 -24.50 0.22
CA ALA C 70 2.94 -24.94 -0.80
C ALA C 70 4.36 -25.00 -0.24
N ALA C 71 4.77 -24.01 0.55
CA ALA C 71 6.08 -24.05 1.18
C ALA C 71 6.20 -25.25 2.11
N LEU C 72 5.11 -25.60 2.79
CA LEU C 72 5.10 -26.78 3.63
C LEU C 72 5.37 -28.04 2.80
N LYS C 73 4.67 -28.19 1.68
CA LYS C 73 4.86 -29.34 0.81
C LYS C 73 6.22 -29.32 0.14
N ALA C 74 6.88 -28.16 0.07
CA ALA C 74 8.23 -28.04 -0.48
C ALA C 74 9.31 -28.35 0.54
N GLY C 75 8.95 -28.66 1.78
CA GLY C 75 9.92 -29.03 2.80
C GLY C 75 10.36 -27.91 3.71
N ALA C 76 9.61 -26.82 3.80
CA ALA C 76 9.98 -25.70 4.65
C ALA C 76 9.57 -25.97 6.08
N SER C 77 10.53 -25.93 6.99
CA SER C 77 10.24 -26.11 8.41
C SER C 77 9.62 -24.83 8.98
N GLU C 78 9.04 -24.98 10.17
CA GLU C 78 8.43 -23.83 10.83
C GLU C 78 9.46 -22.74 11.13
N ALA C 79 10.70 -23.13 11.40
CA ALA C 79 11.75 -22.15 11.62
C ALA C 79 12.06 -21.37 10.35
N GLU C 80 12.10 -22.07 9.20
CA GLU C 80 12.31 -21.39 7.93
C GLU C 80 11.15 -20.46 7.59
N ILE C 81 9.93 -20.84 7.98
CA ILE C 81 8.78 -19.97 7.77
C ILE C 81 8.88 -18.75 8.68
N ALA C 82 9.28 -18.95 9.94
CA ALA C 82 9.35 -17.85 10.89
C ALA C 82 10.46 -16.86 10.53
N GLN C 83 11.64 -17.38 10.18
CA GLN C 83 12.73 -16.48 9.79
C GLN C 83 12.41 -15.72 8.52
N THR C 84 11.64 -16.33 7.61
CA THR C 84 11.19 -15.60 6.42
C THR C 84 10.28 -14.44 6.80
N LEU C 85 9.37 -14.67 7.74
CA LEU C 85 8.51 -13.59 8.20
C LEU C 85 9.30 -12.51 8.94
N ALA C 86 10.27 -12.93 9.76
CA ALA C 86 11.11 -11.95 10.46
C ALA C 86 11.91 -11.10 9.47
N THR C 87 12.32 -11.69 8.34
CA THR C 87 13.01 -10.92 7.31
C THR C 87 12.04 -9.98 6.60
N ALA C 88 10.84 -10.46 6.30
CA ALA C 88 9.84 -9.60 5.65
C ALA C 88 9.35 -8.50 6.58
N ILE C 89 9.26 -8.79 7.88
CA ILE C 89 8.86 -7.76 8.84
C ILE C 89 9.93 -6.68 8.95
N SER C 90 11.20 -7.09 8.93
CA SER C 90 12.29 -6.12 8.99
C SER C 90 12.24 -5.17 7.79
N LEU C 91 12.01 -5.71 6.59
CA LEU C 91 11.88 -4.86 5.41
C LEU C 91 10.60 -4.04 5.45
N ASN C 92 9.56 -4.55 6.11
CA ASN C 92 8.33 -3.81 6.33
C ASN C 92 8.45 -2.77 7.44
N ALA C 93 9.68 -2.40 7.79
CA ALA C 93 9.95 -1.34 8.76
C ALA C 93 11.02 -0.40 8.21
N GLY C 94 12.00 -0.97 7.50
CA GLY C 94 13.00 -0.15 6.85
C GLY C 94 12.41 0.78 5.82
N ALA C 95 11.33 0.35 5.14
CA ALA C 95 10.62 1.25 4.25
C ALA C 95 10.06 2.44 5.02
N ALA C 96 9.49 2.19 6.20
CA ALA C 96 9.05 3.28 7.05
C ALA C 96 10.24 4.06 7.61
N TYR C 97 11.34 3.36 7.90
CA TYR C 97 12.55 4.02 8.37
C TYR C 97 13.10 4.98 7.32
N VAL C 98 13.10 4.53 6.05
CA VAL C 98 13.68 5.35 4.99
C VAL C 98 12.89 6.64 4.83
N TYR C 99 11.56 6.55 4.79
CA TYR C 99 10.74 7.75 4.67
C TYR C 99 10.66 8.53 5.98
N SER C 100 10.94 7.88 7.12
CA SER C 100 11.10 8.62 8.36
C SER C 100 12.38 9.46 8.33
N LEU C 101 13.43 8.93 7.72
CA LEU C 101 14.66 9.71 7.56
C LEU C 101 14.43 10.92 6.68
N ARG C 102 13.55 10.81 5.67
CA ARG C 102 13.21 11.97 4.86
C ARG C 102 12.44 13.00 5.68
N ALA C 103 11.57 12.54 6.59
CA ALA C 103 10.81 13.46 7.41
C ALA C 103 11.71 14.18 8.41
N LEU C 104 12.71 13.48 8.96
CA LEU C 104 13.66 14.14 9.84
C LEU C 104 14.53 15.14 9.08
N GLU C 105 14.93 14.80 7.85
CA GLU C 105 15.54 15.80 6.98
C GLU C 105 14.56 16.93 6.69
N ALA C 106 13.29 16.60 6.46
CA ALA C 106 12.29 17.63 6.25
C ALA C 106 12.17 18.52 7.47
N TYR C 107 12.35 17.98 8.67
CA TYR C 107 12.35 18.83 9.85
C TYR C 107 13.60 19.68 9.95
N ASP C 108 14.70 19.22 9.36
CA ASP C 108 15.85 20.08 9.14
C ASP C 108 15.53 21.02 7.97
N GLN C 109 16.56 21.63 7.37
CA GLN C 109 16.36 22.62 6.32
C GLN C 109 15.42 23.71 6.82
N PHE C 110 14.13 23.39 6.96
CA PHE C 110 13.25 24.20 7.78
C PHE C 110 13.84 24.31 9.17
N LYS C 111 13.74 25.50 9.76
CA LYS C 111 14.46 25.84 10.99
C LYS C 111 15.96 25.74 10.78
N ASN D 3 -27.25 -11.66 1.15
CA ASN D 3 -26.38 -12.82 1.28
C ASN D 3 -25.07 -12.44 1.95
N ASN D 4 -23.99 -12.43 1.15
CA ASN D 4 -22.69 -11.96 1.60
C ASN D 4 -22.45 -10.51 1.21
N TRP D 5 -22.51 -10.22 -0.09
CA TRP D 5 -22.34 -8.84 -0.55
C TRP D 5 -23.65 -8.06 -0.51
N THR D 6 -24.77 -8.73 -0.80
CA THR D 6 -26.06 -8.06 -0.72
C THR D 6 -26.44 -7.67 0.70
N GLU D 7 -25.78 -8.27 1.70
CA GLU D 7 -25.96 -7.88 3.09
C GLU D 7 -24.86 -6.95 3.59
N PHE D 8 -23.67 -7.02 3.00
CA PHE D 8 -22.56 -6.19 3.44
C PHE D 8 -22.73 -4.74 3.00
N VAL D 9 -23.17 -4.53 1.74
CA VAL D 9 -23.26 -3.18 1.20
C VAL D 9 -24.26 -2.32 1.96
N PRO D 10 -25.48 -2.77 2.27
CA PRO D 10 -26.38 -1.93 3.07
C PRO D 10 -25.83 -1.61 4.45
N ALA D 11 -25.09 -2.53 5.06
CA ALA D 11 -24.48 -2.25 6.36
C ALA D 11 -23.39 -1.20 6.25
N VAL D 12 -22.63 -1.22 5.16
CA VAL D 12 -21.59 -0.21 4.95
C VAL D 12 -22.22 1.15 4.71
N LYS D 13 -23.30 1.19 3.92
CA LYS D 13 -23.99 2.45 3.70
C LYS D 13 -24.63 2.98 4.98
N LYS D 14 -25.04 2.07 5.88
CA LYS D 14 -25.59 2.49 7.15
C LYS D 14 -24.53 3.10 8.04
N ALA D 15 -23.33 2.52 8.05
CA ALA D 15 -22.23 3.08 8.83
C ALA D 15 -21.87 4.48 8.36
N PHE D 16 -21.98 4.74 7.06
CA PHE D 16 -21.77 6.10 6.56
C PHE D 16 -22.87 7.03 7.03
N GLY D 17 -24.11 6.54 7.09
CA GLY D 17 -25.21 7.36 7.57
C GLY D 17 -25.07 7.72 9.03
N ALA D 18 -24.63 6.76 9.86
CA ALA D 18 -24.38 7.06 11.27
C ALA D 18 -23.22 8.02 11.43
N LEU D 19 -22.26 8.00 10.50
CA LEU D 19 -21.14 8.93 10.57
C LEU D 19 -21.61 10.36 10.29
N GLY D 20 -22.56 10.53 9.37
CA GLY D 20 -23.06 11.86 9.08
C GLY D 20 -23.92 12.42 10.19
N LYS D 21 -24.69 11.56 10.87
CA LYS D 21 -25.52 12.02 11.97
C LYS D 21 -24.69 12.45 13.16
N GLN D 22 -23.47 11.92 13.29
CA GLN D 22 -22.58 12.26 14.40
C GLN D 22 -21.53 13.29 14.01
N HIS D 23 -20.89 13.13 12.86
CA HIS D 23 -19.88 14.07 12.37
C HIS D 23 -20.26 14.46 10.95
N PRO D 24 -21.15 15.44 10.80
CA PRO D 24 -21.65 15.78 9.46
C PRO D 24 -20.60 16.39 8.55
N LYS D 25 -19.61 17.08 9.11
CA LYS D 25 -18.56 17.66 8.28
C LYS D 25 -17.65 16.60 7.67
N MET D 26 -17.57 15.41 8.28
CA MET D 26 -16.77 14.34 7.70
C MET D 26 -17.49 13.70 6.51
N LEU D 27 -18.79 13.45 6.65
CA LEU D 27 -19.56 12.93 5.53
C LEU D 27 -19.69 13.96 4.41
N ALA D 28 -19.80 15.24 4.78
CA ALA D 28 -19.84 16.29 3.77
C ALA D 28 -18.52 16.38 3.02
N ALA D 29 -17.41 15.99 3.67
CA ALA D 29 -16.12 15.97 2.98
C ALA D 29 -16.10 14.91 1.90
N TYR D 30 -16.65 13.73 2.19
CA TYR D 30 -16.75 12.70 1.16
C TYR D 30 -17.70 13.12 0.05
N GLY D 31 -18.86 13.69 0.41
CA GLY D 31 -19.78 14.18 -0.58
C GLY D 31 -19.16 15.22 -1.50
N ALA D 32 -18.25 16.04 -0.97
CA ALA D 32 -17.51 16.96 -1.82
C ALA D 32 -16.60 16.21 -2.78
N LEU D 33 -16.03 15.10 -2.34
CA LEU D 33 -15.18 14.30 -3.22
C LEU D 33 -16.00 13.64 -4.33
N GLU D 34 -17.21 13.20 -4.01
CA GLU D 34 -18.06 12.57 -5.03
C GLU D 34 -18.60 13.59 -6.01
N GLU D 35 -18.80 14.84 -5.58
CA GLU D 35 -19.24 15.88 -6.50
C GLU D 35 -18.14 16.25 -7.49
N ALA D 36 -16.89 16.35 -7.01
CA ALA D 36 -15.78 16.63 -7.90
C ALA D 36 -15.57 15.51 -8.90
N SER D 37 -15.86 14.27 -8.51
CA SER D 37 -15.76 13.15 -9.44
C SER D 37 -16.88 13.16 -10.46
N ALA D 38 -18.07 13.59 -10.06
CA ALA D 38 -19.23 13.53 -10.95
C ALA D 38 -19.26 14.64 -11.99
N GLU D 39 -18.45 15.70 -11.82
CA GLU D 39 -18.47 16.83 -12.74
C GLU D 39 -17.68 16.49 -14.00
N GLY D 40 -18.36 16.53 -15.14
CA GLY D 40 -17.72 16.23 -16.41
C GLY D 40 -18.42 15.14 -17.19
N ALA D 41 -18.15 15.07 -18.49
CA ALA D 41 -18.79 14.07 -19.37
C ALA D 41 -17.96 12.79 -19.31
N LEU D 42 -18.27 11.94 -18.33
CA LEU D 42 -17.58 10.68 -18.15
C LEU D 42 -18.50 9.47 -18.13
N ASP D 43 -19.82 9.67 -18.02
CA ASP D 43 -20.81 8.60 -17.91
C ASP D 43 -20.66 7.84 -16.59
N ALA D 44 -21.78 7.50 -15.97
CA ALA D 44 -21.75 6.91 -14.63
C ALA D 44 -21.06 5.55 -14.63
N LYS D 45 -21.29 4.74 -15.68
CA LYS D 45 -20.71 3.41 -15.73
C LYS D 45 -19.19 3.47 -15.78
N THR D 46 -18.64 4.34 -16.64
CA THR D 46 -17.19 4.48 -16.73
C THR D 46 -16.61 4.96 -15.41
N ARG D 47 -17.29 5.90 -14.74
CA ARG D 47 -16.82 6.36 -13.44
C ARG D 47 -16.84 5.23 -12.41
N GLU D 48 -17.88 4.39 -12.45
CA GLU D 48 -17.93 3.25 -11.53
C GLU D 48 -16.86 2.23 -11.86
N LEU D 49 -16.63 1.97 -13.16
CA LEU D 49 -15.55 1.05 -13.54
C LEU D 49 -14.20 1.57 -13.06
N ILE D 50 -13.98 2.88 -13.19
CA ILE D 50 -12.77 3.48 -12.63
C ILE D 50 -12.72 3.25 -11.13
N SER D 51 -13.88 3.29 -10.47
CA SER D 51 -13.92 3.11 -9.02
C SER D 51 -13.58 1.68 -8.62
N ILE D 52 -14.08 0.69 -9.36
CA ILE D 52 -13.82 -0.71 -9.02
C ILE D 52 -12.33 -1.02 -9.18
N ALA D 53 -11.70 -0.47 -10.21
CA ALA D 53 -10.27 -0.71 -10.41
C ALA D 53 -9.45 -0.15 -9.25
N VAL D 54 -9.86 0.99 -8.70
CA VAL D 54 -9.18 1.53 -7.54
C VAL D 54 -9.58 0.78 -6.28
N ALA D 55 -10.83 0.30 -6.21
CA ALA D 55 -11.30 -0.39 -5.01
C ALA D 55 -10.53 -1.68 -4.78
N ILE D 56 -10.26 -2.44 -5.83
CA ILE D 56 -9.51 -3.68 -5.68
C ILE D 56 -8.03 -3.41 -5.44
N THR D 57 -7.53 -2.24 -5.86
CA THR D 57 -6.14 -1.89 -5.61
C THR D 57 -5.93 -1.51 -4.15
N THR D 58 -6.83 -0.68 -3.61
CA THR D 58 -6.78 -0.32 -2.19
C THR D 58 -7.18 -1.47 -1.27
N ARG D 59 -7.69 -2.57 -1.84
CA ARG D 59 -8.15 -3.72 -1.06
C ARG D 59 -9.23 -3.31 -0.05
N CYS D 60 -10.24 -2.60 -0.54
CA CYS D 60 -11.34 -2.12 0.28
C CYS D 60 -12.59 -2.90 -0.13
N ASP D 61 -12.99 -3.85 0.72
CA ASP D 61 -14.17 -4.67 0.42
C ASP D 61 -15.42 -3.82 0.36
N GLY D 62 -15.58 -2.89 1.31
CA GLY D 62 -16.73 -2.01 1.28
C GLY D 62 -16.78 -1.15 0.04
N CYS D 63 -15.61 -0.70 -0.43
CA CYS D 63 -15.56 0.07 -1.67
C CYS D 63 -15.85 -0.81 -2.88
N ILE D 64 -15.47 -2.10 -2.82
CA ILE D 64 -15.73 -3.00 -3.94
C ILE D 64 -17.23 -3.21 -4.12
N GLY D 65 -17.92 -3.57 -3.05
CA GLY D 65 -19.34 -3.89 -3.17
C GLY D 65 -20.20 -2.68 -3.49
N VAL D 66 -19.83 -1.50 -2.98
CA VAL D 66 -20.62 -0.30 -3.23
C VAL D 66 -20.58 0.09 -4.70
N HIS D 67 -19.37 0.12 -5.28
CA HIS D 67 -19.20 0.56 -6.65
C HIS D 67 -19.40 -0.55 -7.67
N THR D 68 -19.43 -1.81 -7.23
CA THR D 68 -19.85 -2.89 -8.14
C THR D 68 -21.36 -2.91 -8.29
N GLU D 69 -22.09 -2.76 -7.18
CA GLU D 69 -23.54 -2.62 -7.26
C GLU D 69 -23.94 -1.36 -8.01
N ALA D 70 -23.16 -0.29 -7.86
CA ALA D 70 -23.44 0.94 -8.61
C ALA D 70 -23.11 0.78 -10.09
N ALA D 71 -22.13 -0.07 -10.41
CA ALA D 71 -21.80 -0.32 -11.82
C ALA D 71 -22.92 -1.10 -12.50
N LEU D 72 -23.50 -2.08 -11.82
CA LEU D 72 -24.64 -2.81 -12.37
C LEU D 72 -25.82 -1.87 -12.56
N LYS D 73 -26.09 -1.02 -11.57
CA LYS D 73 -27.19 -0.07 -11.69
C LYS D 73 -26.96 0.90 -12.84
N ALA D 74 -25.69 1.12 -13.21
CA ALA D 74 -25.34 1.94 -14.36
C ALA D 74 -25.35 1.18 -15.67
N GLY D 75 -25.67 -0.12 -15.65
CA GLY D 75 -25.77 -0.88 -16.87
C GLY D 75 -24.48 -1.48 -17.36
N ALA D 76 -23.60 -1.90 -16.44
CA ALA D 76 -22.32 -2.49 -16.81
C ALA D 76 -22.47 -4.01 -16.91
N SER D 77 -22.05 -4.56 -18.05
CA SER D 77 -22.11 -6.00 -18.25
C SER D 77 -20.98 -6.69 -17.49
N GLU D 78 -20.99 -8.03 -17.54
CA GLU D 78 -20.00 -8.79 -16.79
C GLU D 78 -18.63 -8.70 -17.43
N ALA D 79 -18.57 -8.65 -18.77
CA ALA D 79 -17.29 -8.53 -19.45
C ALA D 79 -16.68 -7.15 -19.25
N GLU D 80 -17.52 -6.12 -19.10
CA GLU D 80 -17.00 -4.78 -18.83
C GLU D 80 -16.29 -4.72 -17.48
N ILE D 81 -16.83 -5.41 -16.48
CA ILE D 81 -16.20 -5.42 -15.16
C ILE D 81 -14.96 -6.30 -15.18
N ALA D 82 -15.05 -7.49 -15.78
CA ALA D 82 -13.90 -8.39 -15.84
C ALA D 82 -12.75 -7.76 -16.62
N GLN D 83 -13.06 -7.02 -17.68
CA GLN D 83 -12.02 -6.32 -18.41
C GLN D 83 -11.44 -5.17 -17.59
N THR D 84 -12.28 -4.51 -16.79
CA THR D 84 -11.78 -3.48 -15.90
C THR D 84 -10.86 -4.07 -14.84
N LEU D 85 -11.25 -5.22 -14.28
CA LEU D 85 -10.40 -5.88 -13.29
C LEU D 85 -9.11 -6.38 -13.92
N ALA D 86 -9.19 -6.90 -15.16
CA ALA D 86 -7.99 -7.33 -15.86
C ALA D 86 -7.04 -6.18 -16.12
N THR D 87 -7.58 -4.98 -16.38
CA THR D 87 -6.72 -3.81 -16.54
C THR D 87 -6.08 -3.42 -15.23
N ALA D 88 -6.84 -3.45 -14.13
CA ALA D 88 -6.27 -3.12 -12.83
C ALA D 88 -5.24 -4.14 -12.40
N ILE D 89 -5.40 -5.40 -12.79
CA ILE D 89 -4.38 -6.41 -12.49
C ILE D 89 -3.11 -6.12 -13.26
N SER D 90 -3.24 -5.71 -14.53
CA SER D 90 -2.07 -5.39 -15.33
C SER D 90 -1.32 -4.19 -14.76
N LEU D 91 -2.04 -3.21 -14.22
CA LEU D 91 -1.39 -2.04 -13.65
C LEU D 91 -0.81 -2.33 -12.28
N ASN D 92 -1.48 -3.15 -11.48
CA ASN D 92 -0.91 -3.58 -10.20
C ASN D 92 0.35 -4.40 -10.42
N ALA D 93 0.37 -5.23 -11.46
CA ALA D 93 1.59 -5.96 -11.81
C ALA D 93 2.61 -5.04 -12.45
N GLY D 94 2.16 -4.00 -13.15
CA GLY D 94 3.09 -3.07 -13.77
C GLY D 94 3.91 -2.28 -12.76
N ALA D 95 3.32 -1.99 -11.60
CA ALA D 95 4.07 -1.29 -10.56
C ALA D 95 5.21 -2.15 -10.02
N ALA D 96 4.96 -3.45 -9.86
CA ALA D 96 6.02 -4.35 -9.43
C ALA D 96 7.07 -4.54 -10.50
N TYR D 97 6.67 -4.46 -11.78
CA TYR D 97 7.64 -4.56 -12.87
C TYR D 97 8.59 -3.38 -12.86
N VAL D 98 8.08 -2.18 -12.56
CA VAL D 98 8.91 -0.98 -12.61
C VAL D 98 9.95 -1.01 -11.50
N TYR D 99 9.56 -1.37 -10.29
CA TYR D 99 10.52 -1.42 -9.18
C TYR D 99 11.43 -2.63 -9.27
N SER D 100 10.98 -3.72 -9.90
CA SER D 100 11.88 -4.81 -10.20
C SER D 100 12.90 -4.40 -11.25
N LEU D 101 12.51 -3.55 -12.20
CA LEU D 101 13.47 -3.00 -13.15
C LEU D 101 14.53 -2.17 -12.44
N ARG D 102 14.13 -1.45 -11.39
CA ARG D 102 15.10 -0.68 -10.62
C ARG D 102 16.06 -1.59 -9.87
N ALA D 103 15.60 -2.75 -9.41
CA ALA D 103 16.47 -3.69 -8.72
C ALA D 103 17.49 -4.29 -9.68
N LEU D 104 17.07 -4.61 -10.90
CA LEU D 104 18.00 -5.15 -11.89
C LEU D 104 19.03 -4.10 -12.29
N GLU D 105 18.61 -2.84 -12.43
CA GLU D 105 19.56 -1.78 -12.77
C GLU D 105 20.56 -1.57 -11.65
N ALA D 106 20.13 -1.73 -10.40
CA ALA D 106 21.06 -1.60 -9.28
C ALA D 106 22.07 -2.74 -9.27
N TYR D 107 21.62 -3.96 -9.57
CA TYR D 107 22.52 -5.11 -9.58
C TYR D 107 23.63 -4.94 -10.61
N ASP D 108 23.28 -4.48 -11.81
CA ASP D 108 24.28 -4.29 -12.85
C ASP D 108 25.24 -3.15 -12.52
N GLN D 109 24.80 -2.20 -11.70
CA GLN D 109 25.61 -1.02 -11.39
C GLN D 109 26.68 -1.30 -10.35
N PHE D 110 26.43 -2.22 -9.43
CA PHE D 110 27.35 -2.46 -8.31
C PHE D 110 28.58 -3.24 -8.74
N ASN E 4 13.19 16.65 3.11
CA ASN E 4 12.67 17.42 1.98
C ASN E 4 13.35 18.78 1.90
N TRP E 5 12.82 19.67 1.07
CA TRP E 5 13.50 20.91 0.73
C TRP E 5 12.63 22.11 1.07
N THR E 6 13.28 23.29 1.08
CA THR E 6 12.59 24.56 1.19
C THR E 6 12.05 25.05 -0.15
N GLU E 7 12.44 24.39 -1.25
CA GLU E 7 11.92 24.70 -2.57
C GLU E 7 10.93 23.66 -3.09
N PHE E 8 10.93 22.46 -2.51
CA PHE E 8 10.01 21.41 -2.96
C PHE E 8 8.59 21.69 -2.49
N VAL E 9 8.45 22.13 -1.23
CA VAL E 9 7.12 22.41 -0.70
C VAL E 9 6.42 23.55 -1.44
N PRO E 10 7.08 24.69 -1.71
CA PRO E 10 6.41 25.73 -2.50
C PRO E 10 5.98 25.28 -3.87
N ALA E 11 6.71 24.34 -4.49
CA ALA E 11 6.30 23.82 -5.78
C ALA E 11 5.06 22.94 -5.66
N VAL E 12 4.93 22.21 -4.56
CA VAL E 12 3.75 21.37 -4.35
C VAL E 12 2.52 22.23 -4.12
N LYS E 13 2.65 23.25 -3.27
CA LYS E 13 1.52 24.12 -2.99
C LYS E 13 1.15 24.97 -4.20
N LYS E 14 2.12 25.24 -5.09
CA LYS E 14 1.80 25.96 -6.32
C LYS E 14 0.97 25.09 -7.25
N ALA E 15 1.25 23.79 -7.30
CA ALA E 15 0.47 22.89 -8.13
C ALA E 15 -0.94 22.71 -7.58
N PHE E 16 -1.08 22.66 -6.26
CA PHE E 16 -2.41 22.58 -5.65
C PHE E 16 -3.24 23.83 -5.98
N GLY E 17 -2.61 25.00 -5.94
CA GLY E 17 -3.31 26.22 -6.29
C GLY E 17 -3.72 26.25 -7.75
N ALA E 18 -2.82 25.79 -8.64
CA ALA E 18 -3.16 25.73 -10.05
C ALA E 18 -4.31 24.78 -10.31
N LEU E 19 -4.34 23.65 -9.61
CA LEU E 19 -5.44 22.70 -9.77
C LEU E 19 -6.78 23.35 -9.43
N GLY E 20 -6.82 24.15 -8.38
CA GLY E 20 -8.04 24.87 -8.05
C GLY E 20 -8.46 25.91 -9.06
N LYS E 21 -7.54 26.32 -9.93
CA LYS E 21 -7.89 27.26 -10.99
C LYS E 21 -8.46 26.55 -12.20
N GLN E 22 -7.91 25.39 -12.56
CA GLN E 22 -8.43 24.61 -13.68
C GLN E 22 -9.52 23.64 -13.27
N HIS E 23 -9.52 23.18 -12.03
CA HIS E 23 -10.52 22.23 -11.53
C HIS E 23 -10.85 22.59 -10.09
N PRO E 24 -11.70 23.61 -9.90
CA PRO E 24 -11.92 24.12 -8.54
C PRO E 24 -12.63 23.15 -7.61
N LYS E 25 -13.51 22.29 -8.14
CA LYS E 25 -14.25 21.38 -7.27
C LYS E 25 -13.33 20.35 -6.63
N MET E 26 -12.20 20.05 -7.25
CA MET E 26 -11.26 19.10 -6.65
C MET E 26 -10.52 19.72 -5.48
N LEU E 27 -10.09 20.98 -5.61
CA LEU E 27 -9.41 21.65 -4.50
C LEU E 27 -10.38 21.96 -3.36
N ALA E 28 -11.64 22.26 -3.68
CA ALA E 28 -12.63 22.50 -2.64
C ALA E 28 -12.90 21.22 -1.84
N ALA E 29 -12.78 20.05 -2.47
CA ALA E 29 -12.98 18.80 -1.76
C ALA E 29 -11.88 18.57 -0.74
N TYR E 30 -10.63 18.90 -1.09
CA TYR E 30 -9.54 18.76 -0.12
C TYR E 30 -9.69 19.75 1.03
N GLY E 31 -10.16 20.96 0.73
CA GLY E 31 -10.42 21.91 1.80
C GLY E 31 -11.48 21.41 2.77
N ALA E 32 -12.50 20.73 2.26
CA ALA E 32 -13.51 20.13 3.14
C ALA E 32 -12.88 19.05 4.02
N LEU E 33 -11.92 18.31 3.48
CA LEU E 33 -11.20 17.32 4.29
C LEU E 33 -10.33 17.99 5.34
N GLU E 34 -9.79 19.17 5.03
CA GLU E 34 -8.98 19.91 6.00
C GLU E 34 -9.85 20.61 7.04
N GLU E 35 -11.04 21.09 6.65
CA GLU E 35 -11.94 21.70 7.62
C GLU E 35 -12.44 20.67 8.63
N ALA E 36 -12.80 19.48 8.15
CA ALA E 36 -13.25 18.43 9.06
C ALA E 36 -12.14 17.96 9.97
N SER E 37 -10.89 17.98 9.48
CA SER E 37 -9.77 17.56 10.32
C SER E 37 -9.44 18.59 11.39
N ALA E 38 -9.58 19.88 11.05
CA ALA E 38 -9.29 20.95 12.00
C ALA E 38 -10.38 21.11 13.06
N GLU E 39 -11.58 20.59 12.81
CA GLU E 39 -12.71 20.78 13.71
C GLU E 39 -12.56 19.89 14.93
N GLY E 40 -12.29 20.48 16.07
CA GLY E 40 -12.24 19.74 17.31
C GLY E 40 -11.24 20.35 18.28
N ALA E 41 -10.92 19.57 19.32
CA ALA E 41 -10.03 20.02 20.38
C ALA E 41 -8.57 19.68 20.14
N LEU E 42 -8.27 18.75 19.24
CA LEU E 42 -6.88 18.43 18.92
C LEU E 42 -6.18 19.67 18.38
N ASP E 43 -5.05 20.02 18.99
CA ASP E 43 -4.32 21.21 18.56
C ASP E 43 -3.65 20.97 17.22
N ALA E 44 -3.17 22.06 16.61
CA ALA E 44 -2.54 21.97 15.31
C ALA E 44 -1.29 21.09 15.35
N LYS E 45 -0.61 21.02 16.50
CA LYS E 45 0.58 20.20 16.60
C LYS E 45 0.24 18.71 16.46
N THR E 46 -0.73 18.24 17.26
CA THR E 46 -1.10 16.82 17.19
C THR E 46 -1.61 16.45 15.81
N ARG E 47 -2.36 17.35 15.16
CA ARG E 47 -2.87 17.06 13.82
C ARG E 47 -1.74 16.96 12.81
N GLU E 48 -0.72 17.82 12.93
CA GLU E 48 0.40 17.76 12.01
C GLU E 48 1.27 16.54 12.28
N LEU E 49 1.44 16.17 13.56
CA LEU E 49 2.15 14.94 13.88
C LEU E 49 1.40 13.72 13.36
N ILE E 50 0.07 13.70 13.55
CA ILE E 50 -0.75 12.65 12.94
C ILE E 50 -0.61 12.68 11.42
N SER E 51 -0.51 13.88 10.84
CA SER E 51 -0.37 14.01 9.40
C SER E 51 0.96 13.45 8.91
N ILE E 52 2.04 13.67 9.67
CA ILE E 52 3.34 13.16 9.26
C ILE E 52 3.38 11.64 9.37
N ALA E 53 2.82 11.09 10.45
CA ALA E 53 2.82 9.64 10.62
C ALA E 53 2.06 8.95 9.50
N VAL E 54 0.99 9.58 9.00
CA VAL E 54 0.29 9.02 7.84
C VAL E 54 1.11 9.26 6.57
N ALA E 55 1.75 10.43 6.46
CA ALA E 55 2.59 10.74 5.33
C ALA E 55 3.87 9.91 5.29
N ILE E 56 4.11 9.09 6.30
CA ILE E 56 5.20 8.11 6.26
C ILE E 56 4.68 6.72 5.87
N THR E 57 3.52 6.34 6.41
CA THR E 57 2.87 5.09 6.00
C THR E 57 2.54 5.13 4.52
N THR E 58 1.79 6.15 4.09
CA THR E 58 1.79 6.51 2.68
C THR E 58 3.14 7.12 2.34
N ARG E 59 3.63 6.82 1.15
CA ARG E 59 4.97 7.26 0.75
C ARG E 59 4.88 8.54 -0.08
N CYS E 60 4.22 9.54 0.51
CA CYS E 60 4.01 10.85 -0.12
C CYS E 60 5.07 11.81 0.39
N ASP E 61 5.97 12.25 -0.49
CA ASP E 61 7.01 13.18 -0.09
C ASP E 61 6.46 14.59 0.08
N GLY E 62 5.61 15.04 -0.84
CA GLY E 62 5.01 16.36 -0.70
C GLY E 62 4.20 16.51 0.57
N CYS E 63 3.48 15.45 0.95
CA CYS E 63 2.74 15.48 2.21
C CYS E 63 3.69 15.58 3.40
N ILE E 64 4.85 14.95 3.31
CA ILE E 64 5.82 15.00 4.40
C ILE E 64 6.33 16.42 4.60
N GLY E 65 6.89 17.01 3.54
CA GLY E 65 7.47 18.35 3.66
C GLY E 65 6.43 19.40 4.02
N VAL E 66 5.22 19.27 3.47
CA VAL E 66 4.17 20.24 3.78
C VAL E 66 3.81 20.18 5.27
N HIS E 67 3.62 18.98 5.79
CA HIS E 67 3.16 18.82 7.16
C HIS E 67 4.30 18.80 8.17
N THR E 68 5.54 18.57 7.73
CA THR E 68 6.68 18.76 8.64
C THR E 68 6.95 20.24 8.86
N GLU E 69 6.79 21.05 7.82
CA GLU E 69 6.87 22.50 7.98
C GLU E 69 5.69 23.02 8.79
N ALA E 70 4.49 22.53 8.51
CA ALA E 70 3.31 22.95 9.27
C ALA E 70 3.42 22.54 10.73
N ALA E 71 4.06 21.40 11.00
CA ALA E 71 4.32 21.02 12.39
C ALA E 71 5.29 21.98 13.06
N LEU E 72 6.31 22.42 12.33
CA LEU E 72 7.26 23.38 12.87
C LEU E 72 6.58 24.69 13.23
N LYS E 73 5.78 25.24 12.31
CA LYS E 73 5.06 26.46 12.60
C LYS E 73 4.04 26.27 13.72
N ALA E 74 3.54 25.04 13.89
CA ALA E 74 2.64 24.72 14.98
C ALA E 74 3.36 24.54 16.31
N GLY E 75 4.68 24.67 16.33
CA GLY E 75 5.44 24.57 17.56
C GLY E 75 5.87 23.17 17.93
N ALA E 76 6.10 22.29 16.96
CA ALA E 76 6.53 20.93 17.24
C ALA E 76 8.03 20.90 17.52
N SER E 77 8.40 20.16 18.56
CA SER E 77 9.80 20.00 18.93
C SER E 77 10.40 18.79 18.21
N GLU E 78 11.73 18.74 18.20
CA GLU E 78 12.42 17.63 17.54
C GLU E 78 12.13 16.31 18.23
N ALA E 79 12.01 16.33 19.56
CA ALA E 79 11.66 15.11 20.28
C ALA E 79 10.25 14.64 19.93
N GLU E 80 9.33 15.58 19.67
CA GLU E 80 7.98 15.20 19.28
C GLU E 80 7.95 14.65 17.85
N ILE E 81 8.81 15.15 16.97
CA ILE E 81 8.85 14.67 15.60
C ILE E 81 9.38 13.25 15.55
N ALA E 82 10.51 13.00 16.23
CA ALA E 82 11.12 11.68 16.18
C ALA E 82 10.24 10.63 16.82
N GLN E 83 9.58 10.98 17.94
CA GLN E 83 8.71 10.02 18.61
C GLN E 83 7.50 9.68 17.76
N THR E 84 6.97 10.66 17.02
CA THR E 84 5.88 10.38 16.09
C THR E 84 6.32 9.39 15.02
N LEU E 85 7.54 9.53 14.51
CA LEU E 85 8.05 8.60 13.51
C LEU E 85 8.27 7.21 14.11
N ALA E 86 8.88 7.15 15.30
CA ALA E 86 9.06 5.86 15.97
C ALA E 86 7.73 5.18 16.24
N THR E 87 6.70 5.96 16.54
CA THR E 87 5.36 5.40 16.70
C THR E 87 4.84 4.87 15.37
N ALA E 88 5.01 5.64 14.30
CA ALA E 88 4.55 5.20 12.98
C ALA E 88 5.34 3.99 12.49
N ILE E 89 6.64 3.97 12.76
CA ILE E 89 7.46 2.82 12.38
C ILE E 89 7.01 1.57 13.13
N SER E 90 6.69 1.71 14.42
CA SER E 90 6.23 0.58 15.20
C SER E 90 4.92 0.03 14.65
N LEU E 91 4.02 0.92 14.20
CA LEU E 91 2.75 0.46 13.65
C LEU E 91 2.93 -0.14 12.26
N ASN E 92 3.85 0.41 11.46
CA ASN E 92 4.13 -0.16 10.15
C ASN E 92 4.66 -1.59 10.28
N ALA E 93 5.58 -1.82 11.23
CA ALA E 93 6.02 -3.17 11.51
C ALA E 93 4.92 -4.00 12.18
N GLY E 94 4.04 -3.35 12.94
CA GLY E 94 2.97 -4.07 13.58
C GLY E 94 2.00 -4.71 12.60
N ALA E 95 1.77 -4.05 11.46
CA ALA E 95 0.89 -4.63 10.45
C ALA E 95 1.49 -5.90 9.87
N ALA E 96 2.79 -5.89 9.59
CA ALA E 96 3.45 -7.10 9.08
C ALA E 96 3.48 -8.19 10.13
N TYR E 97 3.55 -7.83 11.41
CA TYR E 97 3.51 -8.83 12.48
C TYR E 97 2.17 -9.56 12.50
N VAL E 98 1.07 -8.82 12.28
CA VAL E 98 -0.25 -9.41 12.35
C VAL E 98 -0.44 -10.43 11.22
N TYR E 99 -0.14 -10.01 9.98
CA TYR E 99 -0.31 -10.92 8.85
C TYR E 99 0.75 -12.02 8.83
N SER E 100 1.86 -11.83 9.54
CA SER E 100 2.79 -12.94 9.75
C SER E 100 2.22 -13.94 10.75
N LEU E 101 1.45 -13.47 11.72
CA LEU E 101 0.81 -14.37 12.68
C LEU E 101 -0.20 -15.27 11.98
N ARG E 102 -0.95 -14.72 11.01
CA ARG E 102 -1.87 -15.54 10.24
C ARG E 102 -1.11 -16.54 9.35
N ALA E 103 0.10 -16.18 8.92
CA ALA E 103 0.90 -17.09 8.12
C ALA E 103 1.38 -18.28 8.95
N LEU E 104 1.88 -18.02 10.16
CA LEU E 104 2.28 -19.09 11.05
C LEU E 104 1.07 -19.87 11.55
N GLU E 105 -0.06 -19.20 11.71
CA GLU E 105 -1.29 -19.90 12.09
C GLU E 105 -1.77 -20.81 10.96
N ALA E 106 -1.61 -20.37 9.71
CA ALA E 106 -1.97 -21.21 8.58
C ALA E 106 -1.02 -22.40 8.45
N TYR E 107 0.27 -22.18 8.72
CA TYR E 107 1.24 -23.27 8.64
C TYR E 107 0.92 -24.37 9.65
N ASP E 108 0.48 -23.98 10.86
CA ASP E 108 0.12 -24.97 11.87
C ASP E 108 -1.14 -25.73 11.47
N GLN E 109 -2.05 -25.09 10.75
CA GLN E 109 -3.29 -25.75 10.35
C GLN E 109 -3.05 -26.80 9.27
N PHE E 110 -2.08 -26.56 8.39
CA PHE E 110 -1.78 -27.50 7.31
C PHE E 110 -0.95 -28.69 7.78
N LYS E 111 -0.60 -28.75 9.06
CA LYS E 111 0.08 -29.91 9.61
C LYS E 111 -0.85 -30.71 10.54
N ASN F 3 -10.26 -4.57 14.51
CA ASN F 3 -11.68 -4.71 14.21
C ASN F 3 -12.52 -3.86 15.15
N ASN F 4 -13.40 -4.50 15.91
CA ASN F 4 -14.24 -3.80 16.88
C ASN F 4 -14.51 -4.67 18.10
N TRP F 5 -14.45 -5.98 17.94
CA TRP F 5 -14.91 -6.90 18.97
C TRP F 5 -14.01 -6.86 20.20
N THR F 6 -14.64 -6.95 21.37
CA THR F 6 -13.92 -7.12 22.63
C THR F 6 -13.30 -8.51 22.77
N GLU F 7 -13.56 -9.39 21.81
CA GLU F 7 -12.98 -10.73 21.79
C GLU F 7 -11.82 -10.88 20.84
N PHE F 8 -11.83 -10.14 19.73
CA PHE F 8 -10.75 -10.24 18.74
C PHE F 8 -9.45 -9.65 19.28
N VAL F 9 -9.54 -8.55 20.03
CA VAL F 9 -8.35 -7.90 20.55
C VAL F 9 -7.58 -8.80 21.51
N PRO F 10 -8.20 -9.49 22.48
CA PRO F 10 -7.44 -10.46 23.27
C PRO F 10 -6.90 -11.62 22.45
N ALA F 11 -7.54 -11.95 21.33
CA ALA F 11 -7.03 -13.00 20.47
C ALA F 11 -5.75 -12.56 19.76
N VAL F 12 -5.68 -11.29 19.36
CA VAL F 12 -4.46 -10.77 18.76
C VAL F 12 -3.33 -10.75 19.77
N LYS F 13 -3.62 -10.28 20.99
CA LYS F 13 -2.59 -10.22 22.02
C LYS F 13 -2.12 -11.62 22.42
N LYS F 14 -3.02 -12.60 22.40
CA LYS F 14 -2.63 -13.96 22.72
C LYS F 14 -1.72 -14.54 21.64
N ALA F 15 -1.99 -14.21 20.37
CA ALA F 15 -1.14 -14.68 19.29
C ALA F 15 0.25 -14.06 19.35
N PHE F 16 0.34 -12.80 19.79
CA PHE F 16 1.66 -12.17 19.95
C PHE F 16 2.45 -12.84 21.06
N GLY F 17 1.77 -13.24 22.14
CA GLY F 17 2.45 -13.98 23.19
C GLY F 17 2.89 -15.36 22.74
N ALA F 18 2.09 -16.00 21.88
CA ALA F 18 2.49 -17.29 21.34
C ALA F 18 3.73 -17.16 20.46
N LEU F 19 3.89 -16.02 19.77
CA LEU F 19 5.10 -15.79 18.99
C LEU F 19 6.32 -15.66 19.89
N GLY F 20 6.16 -15.00 21.05
CA GLY F 20 7.27 -14.87 21.97
C GLY F 20 7.67 -16.18 22.61
N LYS F 21 6.74 -17.13 22.72
CA LYS F 21 7.07 -18.44 23.26
C LYS F 21 7.81 -19.30 22.25
N GLN F 22 7.44 -19.19 20.97
CA GLN F 22 8.08 -19.97 19.92
C GLN F 22 9.29 -19.26 19.32
N HIS F 23 9.23 -17.94 19.21
CA HIS F 23 10.33 -17.15 18.64
C HIS F 23 10.44 -15.86 19.44
N PRO F 24 11.13 -15.90 20.59
CA PRO F 24 11.20 -14.70 21.44
C PRO F 24 11.94 -13.55 20.80
N LYS F 25 12.92 -13.81 19.94
CA LYS F 25 13.65 -12.73 19.30
C LYS F 25 12.76 -11.92 18.35
N MET F 26 11.66 -12.49 17.89
CA MET F 26 10.73 -11.74 17.05
C MET F 26 9.84 -10.82 17.88
N LEU F 27 9.33 -11.32 19.00
CA LEU F 27 8.53 -10.48 19.88
C LEU F 27 9.37 -9.41 20.55
N ALA F 28 10.63 -9.73 20.89
CA ALA F 28 11.52 -8.75 21.49
C ALA F 28 11.83 -7.62 20.52
N ALA F 29 11.86 -7.92 19.22
CA ALA F 29 12.09 -6.87 18.23
C ALA F 29 10.93 -5.89 18.19
N TYR F 30 9.69 -6.38 18.31
CA TYR F 30 8.55 -5.48 18.39
C TYR F 30 8.57 -4.67 19.68
N GLY F 31 8.98 -5.29 20.78
CA GLY F 31 9.12 -4.56 22.02
C GLY F 31 10.17 -3.47 21.94
N ALA F 32 11.23 -3.70 21.16
CA ALA F 32 12.23 -2.65 20.94
C ALA F 32 11.63 -1.49 20.16
N LEU F 33 10.71 -1.79 19.24
CA LEU F 33 10.04 -0.73 18.50
C LEU F 33 9.07 0.03 19.39
N GLU F 34 8.32 -0.67 20.24
CA GLU F 34 7.43 -0.01 21.17
C GLU F 34 8.19 0.78 22.22
N GLU F 35 9.40 0.33 22.59
CA GLU F 35 10.22 1.08 23.52
C GLU F 35 10.57 2.44 22.97
N ALA F 36 11.08 2.49 21.74
CA ALA F 36 11.41 3.77 21.12
C ALA F 36 10.17 4.64 20.89
N SER F 37 9.01 4.02 20.71
CA SER F 37 7.79 4.78 20.53
C SER F 37 7.33 5.41 21.85
N ALA F 38 7.56 4.73 22.97
CA ALA F 38 7.15 5.25 24.27
C ALA F 38 8.09 6.32 24.80
N GLU F 39 9.34 6.35 24.31
CA GLU F 39 10.30 7.36 24.75
C GLU F 39 9.99 8.68 24.07
N GLY F 40 9.85 9.75 24.87
CA GLY F 40 9.57 11.06 24.33
C GLY F 40 8.65 11.90 25.18
N ALA F 41 8.29 13.08 24.68
CA ALA F 41 7.46 14.02 25.43
C ALA F 41 5.96 13.80 25.22
N LEU F 42 5.57 13.10 24.17
CA LEU F 42 4.15 12.90 23.88
C LEU F 42 3.51 12.03 24.95
N ASP F 43 2.32 12.44 25.39
CA ASP F 43 1.57 11.65 26.35
C ASP F 43 1.03 10.38 25.68
N ALA F 44 0.49 9.48 26.51
CA ALA F 44 0.00 8.21 25.99
C ALA F 44 -1.19 8.40 25.07
N LYS F 45 -2.02 9.42 25.30
CA LYS F 45 -3.19 9.65 24.46
C LYS F 45 -2.78 10.05 23.05
N THR F 46 -1.85 11.00 22.93
CA THR F 46 -1.41 11.46 21.61
C THR F 46 -0.72 10.33 20.85
N ARG F 47 0.05 9.50 21.55
CA ARG F 47 0.74 8.40 20.89
C ARG F 47 -0.26 7.37 20.34
N GLU F 48 -1.29 7.03 21.12
CA GLU F 48 -2.27 6.07 20.66
C GLU F 48 -3.18 6.65 19.58
N LEU F 49 -3.40 7.98 19.61
CA LEU F 49 -4.11 8.62 18.52
C LEU F 49 -3.30 8.53 17.22
N ILE F 50 -2.01 8.80 17.29
CA ILE F 50 -1.13 8.64 16.14
C ILE F 50 -1.13 7.18 15.69
N SER F 51 -1.18 6.25 16.63
CA SER F 51 -1.18 4.83 16.29
C SER F 51 -2.45 4.44 15.54
N ILE F 52 -3.59 5.03 15.92
CA ILE F 52 -4.84 4.72 15.25
C ILE F 52 -4.82 5.23 13.80
N ALA F 53 -4.27 6.42 13.59
CA ALA F 53 -4.25 7.00 12.25
C ALA F 53 -3.45 6.13 11.28
N VAL F 54 -2.34 5.56 11.74
CA VAL F 54 -1.56 4.69 10.87
C VAL F 54 -2.28 3.37 10.65
N ALA F 55 -3.00 2.89 11.67
CA ALA F 55 -3.65 1.59 11.57
C ALA F 55 -4.74 1.58 10.50
N ILE F 56 -5.50 2.67 10.39
CA ILE F 56 -6.52 2.74 9.35
C ILE F 56 -5.88 2.96 7.99
N THR F 57 -4.71 3.60 7.95
CA THR F 57 -3.98 3.75 6.69
C THR F 57 -3.34 2.43 6.28
N THR F 58 -2.73 1.72 7.23
CA THR F 58 -2.14 0.42 6.96
C THR F 58 -3.18 -0.69 6.89
N ARG F 59 -4.44 -0.39 7.19
CA ARG F 59 -5.57 -1.32 7.05
C ARG F 59 -5.35 -2.60 7.85
N CYS F 60 -4.67 -2.51 8.98
CA CYS F 60 -4.44 -3.66 9.86
C CYS F 60 -5.51 -3.64 10.94
N ASP F 61 -6.44 -4.61 10.87
CA ASP F 61 -7.57 -4.63 11.80
C ASP F 61 -7.10 -4.84 13.24
N GLY F 62 -6.15 -5.75 13.45
CA GLY F 62 -5.62 -5.95 14.79
C GLY F 62 -4.92 -4.72 15.33
N CYS F 63 -4.27 -3.95 14.44
CA CYS F 63 -3.64 -2.70 14.87
C CYS F 63 -4.68 -1.66 15.25
N ILE F 64 -5.76 -1.57 14.46
CA ILE F 64 -6.91 -0.76 14.87
C ILE F 64 -7.43 -1.24 16.22
N GLY F 65 -7.42 -2.55 16.43
CA GLY F 65 -7.83 -3.12 17.70
C GLY F 65 -6.99 -2.69 18.88
N VAL F 66 -5.74 -3.18 18.94
CA VAL F 66 -4.90 -2.97 20.11
C VAL F 66 -4.81 -1.50 20.50
N HIS F 67 -4.75 -0.62 19.50
CA HIS F 67 -4.41 0.77 19.76
C HIS F 67 -5.61 1.68 19.94
N THR F 68 -6.81 1.27 19.52
CA THR F 68 -7.98 2.07 19.85
C THR F 68 -8.39 1.85 21.31
N GLU F 69 -8.23 0.62 21.81
CA GLU F 69 -8.46 0.36 23.22
C GLU F 69 -7.46 1.11 24.09
N ALA F 70 -6.19 1.12 23.69
CA ALA F 70 -5.19 1.87 24.44
C ALA F 70 -5.47 3.36 24.41
N ALA F 71 -6.09 3.85 23.34
CA ALA F 71 -6.52 5.24 23.31
C ALA F 71 -7.64 5.50 24.31
N LEU F 72 -8.58 4.55 24.42
CA LEU F 72 -9.65 4.68 25.41
C LEU F 72 -9.08 4.69 26.82
N LYS F 73 -8.18 3.75 27.13
CA LYS F 73 -7.58 3.70 28.46
C LYS F 73 -6.72 4.94 28.72
N ALA F 74 -6.19 5.56 27.67
CA ALA F 74 -5.42 6.79 27.81
C ALA F 74 -6.31 8.02 27.99
N GLY F 75 -7.63 7.85 27.98
CA GLY F 75 -8.53 8.96 28.18
C GLY F 75 -8.96 9.69 26.94
N ALA F 76 -8.94 9.04 25.77
CA ALA F 76 -9.35 9.69 24.54
C ALA F 76 -10.86 9.63 24.38
N SER F 77 -11.48 10.78 24.10
CA SER F 77 -12.91 10.82 23.88
C SER F 77 -13.24 10.42 22.44
N GLU F 78 -14.52 10.24 22.17
CA GLU F 78 -14.95 9.91 20.81
C GLU F 78 -14.62 11.03 19.84
N ALA F 79 -14.75 12.28 20.28
CA ALA F 79 -14.39 13.41 19.43
C ALA F 79 -12.91 13.43 19.13
N GLU F 80 -12.07 12.99 20.08
CA GLU F 80 -10.63 12.92 19.83
C GLU F 80 -10.30 11.76 18.88
N ILE F 81 -11.04 10.65 18.97
CA ILE F 81 -10.83 9.55 18.05
C ILE F 81 -11.26 9.94 16.64
N ALA F 82 -12.45 10.55 16.53
CA ALA F 82 -13.00 10.89 15.23
C ALA F 82 -12.15 11.94 14.52
N GLN F 83 -11.76 13.00 15.25
CA GLN F 83 -10.94 14.04 14.65
C GLN F 83 -9.59 13.52 14.18
N THR F 84 -9.02 12.55 14.90
CA THR F 84 -7.81 11.90 14.45
C THR F 84 -8.04 11.17 13.13
N LEU F 85 -9.20 10.51 13.01
CA LEU F 85 -9.51 9.79 11.78
C LEU F 85 -9.77 10.73 10.62
N ALA F 86 -10.43 11.87 10.89
CA ALA F 86 -10.63 12.87 9.85
C ALA F 86 -9.31 13.43 9.34
N THR F 87 -8.32 13.56 10.24
CA THR F 87 -7.00 14.00 9.81
C THR F 87 -6.29 12.90 9.02
N ALA F 88 -6.45 11.64 9.46
CA ALA F 88 -5.84 10.53 8.74
C ALA F 88 -6.49 10.34 7.37
N ILE F 89 -7.81 10.55 7.28
CA ILE F 89 -8.49 10.45 6.00
C ILE F 89 -8.01 11.55 5.06
N SER F 90 -7.81 12.76 5.58
CA SER F 90 -7.39 13.88 4.74
C SER F 90 -6.02 13.63 4.14
N LEU F 91 -5.10 13.06 4.92
CA LEU F 91 -3.76 12.79 4.41
C LEU F 91 -3.77 11.64 3.40
N ASN F 92 -4.67 10.67 3.58
CA ASN F 92 -4.80 9.60 2.60
C ASN F 92 -5.25 10.15 1.25
N ALA F 93 -6.29 10.99 1.25
CA ALA F 93 -6.71 11.65 0.02
C ALA F 93 -5.64 12.60 -0.48
N GLY F 94 -4.87 13.21 0.42
CA GLY F 94 -3.79 14.10 0.00
C GLY F 94 -2.73 13.38 -0.82
N ALA F 95 -2.38 12.15 -0.43
CA ALA F 95 -1.40 11.38 -1.17
C ALA F 95 -1.89 11.11 -2.60
N ALA F 96 -3.19 10.85 -2.76
CA ALA F 96 -3.74 10.68 -4.09
C ALA F 96 -3.75 12.00 -4.86
N TYR F 97 -3.97 13.11 -4.15
CA TYR F 97 -3.92 14.42 -4.80
C TYR F 97 -2.52 14.72 -5.34
N VAL F 98 -1.48 14.35 -4.59
CA VAL F 98 -0.12 14.67 -4.99
C VAL F 98 0.25 13.91 -6.27
N TYR F 99 -0.03 12.62 -6.32
CA TYR F 99 0.30 11.84 -7.51
C TYR F 99 -0.66 12.10 -8.67
N SER F 100 -1.87 12.59 -8.38
CA SER F 100 -2.74 13.05 -9.45
C SER F 100 -2.16 14.30 -10.12
N LEU F 101 -1.48 15.14 -9.35
CA LEU F 101 -0.84 16.32 -9.93
C LEU F 101 0.29 15.91 -10.87
N ARG F 102 1.00 14.83 -10.56
CA ARG F 102 2.04 14.33 -11.46
C ARG F 102 1.44 13.84 -12.77
N ALA F 103 0.26 13.20 -12.71
CA ALA F 103 -0.41 12.75 -13.92
C ALA F 103 -0.86 13.93 -14.77
N LEU F 104 -1.38 14.99 -14.13
CA LEU F 104 -1.76 16.18 -14.88
C LEU F 104 -0.54 16.89 -15.46
N GLU F 105 0.58 16.85 -14.74
CA GLU F 105 1.80 17.47 -15.25
C GLU F 105 2.38 16.66 -16.41
N ALA F 106 2.30 15.32 -16.33
CA ALA F 106 2.80 14.49 -17.41
C ALA F 106 1.98 14.67 -18.68
N TYR F 107 0.65 14.75 -18.54
CA TYR F 107 -0.21 14.95 -19.70
C TYR F 107 0.07 16.28 -20.39
N ASP F 108 0.44 17.31 -19.61
CA ASP F 108 0.73 18.61 -20.21
C ASP F 108 2.03 18.58 -21.01
N GLN F 109 3.00 17.76 -20.60
CA GLN F 109 4.27 17.70 -21.30
C GLN F 109 4.19 16.86 -22.57
N PHE F 110 3.27 15.90 -22.63
CA PHE F 110 3.05 15.12 -23.84
C PHE F 110 2.09 15.78 -24.82
N LYS F 111 1.31 16.75 -24.35
CA LYS F 111 0.30 17.39 -25.19
C LYS F 111 0.95 18.17 -26.32
N LYS F 112 0.30 18.16 -27.48
CA LYS F 112 0.79 18.88 -28.65
C LYS F 112 -0.31 19.77 -29.24
#